data_3FD6
#
_entry.id   3FD6
#
_cell.length_a   67.618
_cell.length_b   67.618
_cell.length_c   182.551
_cell.angle_alpha   90.00
_cell.angle_beta   90.00
_cell.angle_gamma   90.00
#
_symmetry.space_group_name_H-M   'P 43'
#
loop_
_entity.id
_entity.type
_entity.pdbx_description
1 polymer 'Selenide, water dikinase 1'
2 non-polymer "ADENOSINE-5'-DIPHOSPHATE"
3 non-polymer 'PHOSPHATE ION'
4 non-polymer 'MAGNESIUM ION'
5 non-polymer 'SODIUM ION'
6 water water
#
_entity_poly.entity_id   1
_entity_poly.type   'polypeptide(L)'
_entity_poly.pdbx_seq_one_letter_code
;GSMSTRESFNPESYELDKSFRLTRFTELKGTGCKVPQDVLQKLLESLQENHFQEDEQFLGAVMPRLGIGMDTCVIPLRHG
GLSLVQTTDYIYPIVDDPYMMGRIACANVLSDLYAMGVTECDNMLMLLGVSNKMTDRERDKVMPLIIQGFKDAAEEAGTS
VTGGQTVLNPWIVLGGVATTVCQPNEFIMPDNAVPGDVLVLTKPLGTQVAVAVHQWLDIPEKWNKIKLVVTQEDVELAYQ
EAMMNMARLNRTAAGLMHTFNAHAATDITGFGILGHAQNLAKQQRNEVSFVIHNLPVLAKMAAVSKACGNMFGLMHGTCP
ETSGGLLICLPREQAARFCAEIKSPKYGEGHQAWIIGIVEKGNRTARIIDKPRIIEVAPQVATQNVNPTPGATS
;
_entity_poly.pdbx_strand_id   A,B
#
loop_
_chem_comp.id
_chem_comp.type
_chem_comp.name
_chem_comp.formula
ADP non-polymer ADENOSINE-5'-DIPHOSPHATE 'C10 H15 N5 O10 P2'
MG non-polymer 'MAGNESIUM ION' 'Mg 2'
NA non-polymer 'SODIUM ION' 'Na 1'
PO4 non-polymer 'PHOSPHATE ION' 'O4 P -3'
#
# COMPACT_ATOMS: atom_id res chain seq x y z
N PHE A 9 -19.59 19.82 4.72
CA PHE A 9 -20.34 18.67 4.20
C PHE A 9 -21.71 18.49 4.85
N ASN A 10 -22.75 18.83 4.09
CA ASN A 10 -24.11 18.44 4.44
C ASN A 10 -24.48 17.21 3.63
N PRO A 11 -24.68 16.07 4.31
CA PRO A 11 -25.02 14.82 3.62
C PRO A 11 -26.19 15.03 2.65
N GLU A 12 -27.34 15.43 3.19
CA GLU A 12 -28.53 15.67 2.37
C GLU A 12 -28.24 16.63 1.21
N SER A 13 -27.10 17.34 1.25
CA SER A 13 -26.67 18.18 0.14
C SER A 13 -26.21 17.37 -1.08
N TYR A 14 -25.99 16.08 -0.85
CA TYR A 14 -25.53 15.17 -1.91
C TYR A 14 -26.50 14.02 -2.15
N GLU A 15 -27.79 14.30 -2.09
CA GLU A 15 -28.82 13.29 -2.36
C GLU A 15 -28.59 12.04 -1.51
N LEU A 16 -27.74 12.19 -0.51
CA LEU A 16 -27.55 11.11 0.46
C LEU A 16 -28.53 11.31 1.60
N ASP A 17 -28.78 10.25 2.36
CA ASP A 17 -29.70 10.31 3.48
C ASP A 17 -29.15 11.17 4.61
N LYS A 18 -29.95 11.33 5.66
CA LYS A 18 -29.58 12.12 6.83
C LYS A 18 -28.69 11.31 7.76
N SER A 19 -28.97 10.01 7.84
CA SER A 19 -28.28 9.17 8.82
C SER A 19 -26.89 8.66 8.39
N PHE A 20 -26.50 8.97 7.15
CA PHE A 20 -25.19 8.55 6.68
C PHE A 20 -24.08 9.22 7.48
N ARG A 21 -23.07 8.44 7.84
CA ARG A 21 -21.86 8.94 8.48
C ARG A 21 -20.68 8.14 7.91
N LEU A 22 -19.71 8.84 7.33
CA LEU A 22 -18.56 8.15 6.76
C LEU A 22 -17.93 7.23 7.81
N THR A 23 -18.04 7.64 9.08
CA THR A 23 -17.44 6.89 10.19
C THR A 23 -18.22 5.61 10.54
N ARG A 24 -19.34 5.38 9.85
CA ARG A 24 -20.06 4.13 9.97
C ARG A 24 -19.25 2.94 9.43
N PHE A 25 -18.31 3.22 8.53
CA PHE A 25 -17.60 2.16 7.80
C PHE A 25 -16.21 1.87 8.35
N THR A 26 -16.19 1.64 9.65
CA THR A 26 -15.03 1.23 10.42
C THR A 26 -15.49 1.16 11.89
N GLU A 27 -14.58 0.85 12.80
CA GLU A 27 -14.88 0.87 14.23
C GLU A 27 -14.01 1.92 14.94
N LEU A 28 -14.53 2.46 16.03
CA LEU A 28 -13.80 3.39 16.87
C LEU A 28 -13.13 2.65 18.04
N LYS A 29 -11.81 2.82 18.19
CA LYS A 29 -11.09 2.33 19.38
C LYS A 29 -10.31 3.46 20.08
N GLY A 30 -10.43 3.54 21.39
CA GLY A 30 -9.70 4.53 22.16
C GLY A 30 -8.19 4.47 21.96
N THR A 31 -7.70 3.26 21.65
CA THR A 31 -6.27 3.05 21.53
C THR A 31 -5.80 2.88 20.07
N GLY A 32 -6.74 3.06 19.14
CA GLY A 32 -6.39 3.10 17.74
C GLY A 32 -6.47 1.75 17.05
N CYS A 33 -6.20 1.73 15.75
CA CYS A 33 -6.33 0.51 14.93
C CYS A 33 -5.00 -0.19 14.60
N LYS A 34 -3.87 0.49 14.85
CA LYS A 34 -2.58 -0.11 14.52
C LYS A 34 -2.26 -1.30 15.46
N VAL A 35 -1.49 -2.26 14.95
CA VAL A 35 -0.91 -3.32 15.77
C VAL A 35 0.06 -2.64 16.75
N PRO A 36 0.04 -3.06 18.03
CA PRO A 36 0.86 -2.39 19.05
C PRO A 36 2.36 -2.45 18.77
N GLN A 37 3.07 -1.47 19.33
CA GLN A 37 4.49 -1.22 19.06
C GLN A 37 5.42 -2.38 19.37
N ASP A 38 5.20 -3.03 20.50
CA ASP A 38 6.04 -4.15 20.93
C ASP A 38 5.78 -5.41 20.09
N VAL A 39 4.53 -5.65 19.72
CA VAL A 39 4.20 -6.78 18.85
C VAL A 39 4.81 -6.65 17.44
N LEU A 40 4.67 -5.50 16.81
CA LEU A 40 5.27 -5.27 15.48
C LEU A 40 6.79 -5.47 15.50
N GLN A 41 7.47 -4.86 16.46
CA GLN A 41 8.91 -5.03 16.56
C GLN A 41 9.25 -6.53 16.64
N LYS A 42 8.39 -7.28 17.33
CA LYS A 42 8.55 -8.73 17.41
C LYS A 42 8.35 -9.36 16.02
N LEU A 43 7.15 -9.23 15.45
CA LEU A 43 6.84 -9.82 14.13
C LEU A 43 7.84 -9.38 13.06
N LEU A 44 8.24 -8.11 13.09
CA LEU A 44 9.26 -7.59 12.19
C LEU A 44 10.66 -8.02 12.60
N GLU A 45 10.81 -9.29 12.95
CA GLU A 45 12.10 -9.85 13.41
C GLU A 45 12.88 -10.53 12.30
N SER A 46 12.18 -11.29 11.46
CA SER A 46 12.83 -11.93 10.29
C SER A 46 13.48 -10.92 9.35
N LEU A 47 12.96 -9.69 9.34
CA LEU A 47 13.54 -8.62 8.52
C LEU A 47 14.79 -8.00 9.14
N MET A 63 27.88 6.99 2.30
CA MET A 63 26.46 7.25 2.12
C MET A 63 25.64 6.64 3.26
N PRO A 64 24.87 7.49 3.97
CA PRO A 64 24.00 7.00 5.04
C PRO A 64 22.93 6.07 4.47
N ARG A 65 22.50 5.09 5.27
CA ARG A 65 21.35 4.25 4.92
C ARG A 65 20.54 3.88 6.16
N LEU A 66 19.24 3.73 5.99
CA LEU A 66 18.29 3.57 7.10
C LEU A 66 17.27 2.49 6.75
N GLY A 67 17.27 1.40 7.52
CA GLY A 67 16.33 0.31 7.34
C GLY A 67 15.04 0.53 8.12
N ILE A 68 14.30 -0.56 8.36
CA ILE A 68 13.07 -0.50 9.14
C ILE A 68 13.34 0.14 10.50
N GLY A 69 12.35 0.79 11.07
CA GLY A 69 12.45 1.26 12.45
C GLY A 69 12.09 2.72 12.60
N MET A 70 12.42 3.53 11.59
CA MET A 70 12.14 4.97 11.62
C MET A 70 11.06 5.39 10.61
N ASP A 71 11.09 6.66 10.19
CA ASP A 71 9.97 7.28 9.49
C ASP A 71 10.05 7.14 7.98
N THR A 72 11.24 6.97 7.45
CA THR A 72 11.34 6.59 6.06
C THR A 72 12.52 5.63 5.99
N CYS A 73 12.68 4.96 4.85
CA CYS A 73 13.93 4.28 4.55
C CYS A 73 14.80 5.26 3.77
N VAL A 74 16.12 5.02 3.79
CA VAL A 74 17.06 5.74 2.95
C VAL A 74 18.00 4.70 2.35
N ILE A 75 17.84 4.47 1.05
CA ILE A 75 18.53 3.38 0.36
C ILE A 75 19.45 3.97 -0.68
N PRO A 76 20.77 3.95 -0.40
CA PRO A 76 21.68 4.50 -1.41
C PRO A 76 21.57 3.82 -2.79
N LEU A 77 21.69 4.60 -3.85
CA LEU A 77 21.53 4.04 -5.18
C LEU A 77 22.85 3.79 -5.87
N ARG A 78 22.76 3.11 -7.00
CA ARG A 78 23.89 2.92 -7.89
C ARG A 78 24.18 4.22 -8.62
N HIS A 79 23.12 4.93 -9.00
CA HIS A 79 23.29 6.14 -9.80
C HIS A 79 23.49 7.42 -8.99
N GLY A 80 24.55 8.16 -9.34
CA GLY A 80 24.77 9.52 -8.87
C GLY A 80 25.09 9.80 -7.41
N GLY A 81 25.33 8.77 -6.61
CA GLY A 81 25.45 8.96 -5.17
C GLY A 81 24.13 9.51 -4.63
N LEU A 82 23.05 9.14 -5.30
CA LEU A 82 21.68 9.51 -4.92
C LEU A 82 21.11 8.45 -4.00
N SER A 83 20.13 8.84 -3.19
CA SER A 83 19.48 7.96 -2.23
C SER A 83 17.97 7.99 -2.48
N LEU A 84 17.34 6.82 -2.52
CA LEU A 84 15.87 6.73 -2.60
C LEU A 84 15.27 6.78 -1.21
N VAL A 85 14.41 7.76 -0.98
CA VAL A 85 13.72 7.93 0.29
C VAL A 85 12.23 7.70 0.05
N GLN A 86 11.66 6.70 0.71
CA GLN A 86 10.21 6.47 0.59
C GLN A 86 9.52 5.92 1.87
N THR A 87 8.20 5.87 1.81
CA THR A 87 7.37 5.64 3.01
C THR A 87 5.94 5.33 2.57
N THR A 88 5.22 4.52 3.36
CA THR A 88 3.83 4.16 3.06
C THR A 88 2.93 4.30 4.29
N ASP A 89 1.64 4.52 4.07
CA ASP A 89 0.67 4.70 5.16
C ASP A 89 -0.72 4.21 4.75
N TYR A 90 -1.51 3.76 5.71
CA TYR A 90 -2.97 3.68 5.55
C TYR A 90 -3.76 3.75 6.86
N ILE A 91 -4.99 4.27 6.75
CA ILE A 91 -5.89 4.51 7.85
C ILE A 91 -7.35 4.29 7.41
N TYR A 92 -8.27 4.51 8.34
CA TYR A 92 -9.72 4.46 8.09
C TYR A 92 -10.37 5.83 8.36
N PRO A 93 -11.65 6.01 7.96
CA PRO A 93 -12.34 7.29 8.27
C PRO A 93 -12.38 7.64 9.76
N ILE A 94 -11.97 8.86 10.10
CA ILE A 94 -12.05 9.38 11.46
C ILE A 94 -12.90 10.66 11.61
N VAL A 95 -13.12 11.38 10.49
CA VAL A 95 -14.07 12.50 10.44
C VAL A 95 -15.15 12.21 9.39
N ASP A 96 -16.29 12.90 9.46
CA ASP A 96 -17.41 12.57 8.58
C ASP A 96 -17.49 13.42 7.32
N ASP A 97 -16.41 14.12 6.98
CA ASP A 97 -16.39 15.03 5.83
C ASP A 97 -15.40 14.52 4.77
N PRO A 98 -15.92 13.76 3.79
CA PRO A 98 -15.12 12.99 2.83
C PRO A 98 -14.01 13.78 2.14
N TYR A 99 -14.28 15.03 1.76
CA TYR A 99 -13.19 15.81 1.16
C TYR A 99 -12.00 15.97 2.13
N MET A 100 -12.27 16.48 3.33
CA MET A 100 -11.19 16.71 4.31
C MET A 100 -10.44 15.42 4.63
N MET A 101 -11.17 14.31 4.75
CA MET A 101 -10.57 13.03 5.13
C MET A 101 -9.50 12.55 4.14
N GLY A 102 -9.68 12.86 2.86
CA GLY A 102 -8.69 12.54 1.84
C GLY A 102 -7.49 13.47 1.86
N ARG A 103 -7.75 14.73 2.20
CA ARG A 103 -6.71 15.71 2.49
C ARG A 103 -5.89 15.15 3.61
N ILE A 104 -6.56 14.75 4.68
CA ILE A 104 -5.91 14.19 5.86
C ILE A 104 -5.13 12.93 5.50
N ALA A 105 -5.73 12.06 4.69
CA ALA A 105 -5.02 10.88 4.20
C ALA A 105 -3.68 11.25 3.51
N CYS A 106 -3.74 12.14 2.52
CA CYS A 106 -2.56 12.52 1.74
C CYS A 106 -1.50 13.18 2.63
N ALA A 107 -1.97 13.96 3.61
CA ALA A 107 -1.08 14.61 4.57
C ALA A 107 -0.37 13.61 5.49
N ASN A 108 -1.09 12.60 5.94
CA ASN A 108 -0.52 11.56 6.79
C ASN A 108 0.63 10.79 6.07
N VAL A 109 0.42 10.42 4.81
CA VAL A 109 1.49 9.79 4.03
C VAL A 109 2.74 10.69 4.02
N LEU A 110 2.57 11.95 3.63
CA LEU A 110 3.69 12.86 3.37
C LEU A 110 4.44 13.29 4.62
N SER A 111 3.77 13.15 5.76
CA SER A 111 4.34 13.47 7.08
C SER A 111 5.67 12.74 7.33
N ASP A 112 5.74 11.46 6.97
CA ASP A 112 6.94 10.67 7.18
C ASP A 112 8.16 11.21 6.44
N LEU A 113 7.95 11.65 5.21
CA LEU A 113 8.95 12.40 4.46
C LEU A 113 9.45 13.64 5.18
N TYR A 114 8.53 14.41 5.76
CA TYR A 114 8.87 15.70 6.36
C TYR A 114 9.65 15.56 7.66
N ALA A 115 9.40 14.48 8.40
CA ALA A 115 10.23 14.19 9.58
C ALA A 115 11.70 13.96 9.21
N MET A 116 11.95 13.66 7.94
CA MET A 116 13.33 13.52 7.46
C MET A 116 13.82 14.86 6.93
N GLY A 117 12.90 15.80 6.74
CA GLY A 117 13.22 17.14 6.30
C GLY A 117 13.07 17.34 4.79
N VAL A 118 12.64 16.30 4.07
CA VAL A 118 12.56 16.39 2.61
C VAL A 118 11.30 17.15 2.20
N THR A 119 11.51 18.35 1.65
CA THR A 119 10.41 19.28 1.35
C THR A 119 9.72 18.95 0.02
N GLU A 120 10.41 18.17 -0.80
CA GLU A 120 9.90 17.84 -2.12
C GLU A 120 9.57 16.35 -2.25
N CYS A 121 8.43 16.07 -2.89
CA CYS A 121 8.00 14.71 -3.22
C CYS A 121 8.06 14.48 -4.74
N ASP A 122 8.90 13.55 -5.17
CA ASP A 122 8.97 13.21 -6.56
C ASP A 122 7.72 12.45 -7.08
N ASN A 123 7.10 11.61 -6.24
CA ASN A 123 5.92 10.83 -6.67
C ASN A 123 5.07 10.24 -5.54
N MET A 124 3.76 10.11 -5.81
CA MET A 124 2.80 9.51 -4.88
C MET A 124 2.01 8.37 -5.57
N LEU A 125 1.70 7.34 -4.79
CA LEU A 125 0.76 6.29 -5.21
C LEU A 125 -0.38 6.31 -4.17
N MET A 126 -1.62 6.04 -4.59
CA MET A 126 -2.78 6.09 -3.67
C MET A 126 -3.44 4.73 -3.39
N LEU A 127 -3.61 4.43 -2.10
CA LEU A 127 -4.33 3.23 -1.68
C LEU A 127 -5.80 3.56 -1.33
N LEU A 128 -6.74 2.80 -1.88
CA LEU A 128 -8.14 2.95 -1.51
C LEU A 128 -8.70 1.58 -1.18
N GLY A 129 -9.65 1.57 -0.25
CA GLY A 129 -10.46 0.39 0.06
C GLY A 129 -11.92 0.81 0.07
N VAL A 130 -12.71 0.28 -0.85
CA VAL A 130 -14.15 0.59 -0.88
C VAL A 130 -14.96 -0.43 -0.04
N SER A 131 -15.75 0.07 0.91
CA SER A 131 -16.49 -0.79 1.83
C SER A 131 -17.59 -1.59 1.16
N ASN A 132 -17.64 -2.89 1.48
CA ASN A 132 -18.67 -3.77 0.95
C ASN A 132 -20.06 -3.55 1.58
N LYS A 133 -20.16 -2.64 2.55
CA LYS A 133 -21.45 -2.32 3.16
C LYS A 133 -22.11 -1.08 2.57
N MET A 134 -21.38 -0.32 1.77
CA MET A 134 -21.94 0.94 1.27
C MET A 134 -22.68 0.70 -0.02
N THR A 135 -23.85 1.34 -0.16
CA THR A 135 -24.60 1.25 -1.40
C THR A 135 -23.67 1.67 -2.55
N ASP A 136 -24.04 1.31 -3.77
CA ASP A 136 -23.29 1.77 -4.95
C ASP A 136 -23.46 3.27 -5.11
N ARG A 137 -24.65 3.77 -4.80
CA ARG A 137 -24.92 5.21 -4.83
C ARG A 137 -24.09 6.00 -3.79
N GLU A 138 -23.90 5.43 -2.60
CA GLU A 138 -23.04 6.04 -1.58
C GLU A 138 -21.59 6.07 -2.08
N ARG A 139 -21.14 4.96 -2.65
CA ARG A 139 -19.79 4.86 -3.19
C ARG A 139 -19.54 5.90 -4.28
N ASP A 140 -20.52 6.07 -5.17
CA ASP A 140 -20.40 6.93 -6.33
C ASP A 140 -20.45 8.43 -5.99
N LYS A 141 -21.08 8.77 -4.85
CA LYS A 141 -21.02 10.15 -4.35
C LYS A 141 -19.78 10.41 -3.51
N VAL A 142 -19.51 9.51 -2.55
CA VAL A 142 -18.46 9.71 -1.54
C VAL A 142 -17.01 9.53 -2.05
N MET A 143 -16.78 8.61 -2.97
CA MET A 143 -15.40 8.36 -3.43
C MET A 143 -14.76 9.53 -4.21
N PRO A 144 -15.49 10.10 -5.20
CA PRO A 144 -14.91 11.22 -5.96
C PRO A 144 -14.58 12.41 -5.09
N LEU A 145 -15.21 12.51 -3.93
CA LEU A 145 -14.95 13.63 -3.04
C LEU A 145 -13.64 13.42 -2.32
N ILE A 146 -13.49 12.22 -1.77
CA ILE A 146 -12.26 11.76 -1.17
C ILE A 146 -11.06 11.86 -2.12
N ILE A 147 -11.24 11.38 -3.36
CA ILE A 147 -10.14 11.40 -4.34
C ILE A 147 -9.71 12.82 -4.68
N GLN A 148 -10.66 13.75 -4.62
CA GLN A 148 -10.41 15.19 -4.77
C GLN A 148 -9.54 15.77 -3.64
N GLY A 149 -9.87 15.45 -2.39
CA GLY A 149 -9.09 15.92 -1.24
C GLY A 149 -7.64 15.48 -1.27
N PHE A 150 -7.43 14.26 -1.78
CA PHE A 150 -6.09 13.70 -1.92
C PHE A 150 -5.28 14.46 -2.98
N LYS A 151 -5.90 14.73 -4.14
CA LYS A 151 -5.24 15.42 -5.24
C LYS A 151 -4.76 16.86 -4.89
N ASP A 152 -5.66 17.68 -4.33
CA ASP A 152 -5.36 19.07 -3.98
C ASP A 152 -4.22 19.17 -2.99
N ALA A 153 -4.24 18.26 -2.01
CA ALA A 153 -3.21 18.17 -0.98
C ALA A 153 -1.86 17.81 -1.62
N ALA A 154 -1.90 16.90 -2.58
CA ALA A 154 -0.72 16.52 -3.36
C ALA A 154 -0.19 17.73 -4.13
N GLU A 155 -1.09 18.47 -4.77
CA GLU A 155 -0.73 19.69 -5.48
C GLU A 155 0.01 20.71 -4.58
N GLU A 156 -0.51 20.95 -3.38
CA GLU A 156 0.17 21.79 -2.39
C GLU A 156 1.57 21.29 -2.06
N ALA A 157 1.77 19.98 -2.11
CA ALA A 157 3.06 19.36 -1.79
C ALA A 157 4.00 19.41 -2.98
N GLY A 158 3.47 19.87 -4.11
CA GLY A 158 4.21 20.02 -5.36
C GLY A 158 4.38 18.74 -6.15
N THR A 159 3.43 17.82 -5.96
CA THR A 159 3.54 16.47 -6.51
C THR A 159 2.21 15.98 -7.11
N SER A 160 2.18 14.71 -7.49
CA SER A 160 0.96 14.12 -8.02
C SER A 160 0.96 12.60 -7.88
N VAL A 161 -0.26 12.04 -7.85
CA VAL A 161 -0.48 10.59 -7.79
C VAL A 161 -0.51 9.99 -9.20
N THR A 162 0.33 8.97 -9.42
CA THR A 162 0.50 8.38 -10.75
C THR A 162 0.18 6.88 -10.83
N GLY A 163 -0.42 6.35 -9.77
CA GLY A 163 -0.80 4.94 -9.70
C GLY A 163 -1.35 4.64 -8.31
N GLY A 164 -1.70 3.38 -8.09
CA GLY A 164 -2.24 2.93 -6.81
C GLY A 164 -2.97 1.60 -6.88
N GLN A 165 -3.77 1.28 -5.85
CA GLN A 165 -4.54 0.02 -5.75
C GLN A 165 -5.90 0.29 -5.09
N THR A 166 -6.99 -0.19 -5.69
CA THR A 166 -8.36 0.02 -5.18
C THR A 166 -9.19 -1.28 -5.10
N VAL A 167 -9.55 -1.68 -3.87
CA VAL A 167 -10.15 -3.00 -3.62
C VAL A 167 -11.27 -2.96 -2.58
N LEU A 168 -12.18 -3.94 -2.64
CA LEU A 168 -13.30 -4.05 -1.69
C LEU A 168 -12.80 -4.59 -0.36
N ASN A 169 -13.38 -4.08 0.73
CA ASN A 169 -12.97 -4.40 2.10
C ASN A 169 -14.19 -4.26 3.02
N PRO A 170 -14.14 -4.84 4.23
CA PRO A 170 -15.27 -4.58 5.15
C PRO A 170 -15.37 -3.10 5.48
N TRP A 171 -14.24 -2.41 5.53
CA TRP A 171 -14.20 -0.99 5.90
C TRP A 171 -13.75 -0.12 4.73
N ILE A 172 -13.89 1.20 4.87
CA ILE A 172 -13.24 2.12 3.95
C ILE A 172 -11.79 2.30 4.36
N VAL A 173 -10.87 2.09 3.42
CA VAL A 173 -9.45 2.34 3.68
C VAL A 173 -8.91 3.49 2.83
N LEU A 174 -7.98 4.25 3.40
CA LEU A 174 -7.34 5.38 2.70
C LEU A 174 -5.84 5.35 2.99
N GLY A 175 -5.02 5.65 1.99
CA GLY A 175 -3.58 5.56 2.19
C GLY A 175 -2.76 5.92 0.98
N GLY A 176 -1.46 5.65 1.05
CA GLY A 176 -0.64 5.90 -0.12
C GLY A 176 0.85 5.65 0.04
N VAL A 177 1.63 6.10 -0.95
CA VAL A 177 3.11 6.05 -0.92
C VAL A 177 3.67 7.40 -1.36
N ALA A 178 4.69 7.89 -0.66
CA ALA A 178 5.48 9.04 -1.14
C ALA A 178 6.94 8.67 -1.40
N THR A 179 7.49 9.12 -2.53
CA THR A 179 8.84 8.72 -2.96
C THR A 179 9.63 9.91 -3.51
N THR A 180 10.86 10.07 -3.00
CA THR A 180 11.79 11.10 -3.48
C THR A 180 13.18 10.47 -3.74
N VAL A 181 13.80 10.84 -4.86
CA VAL A 181 15.20 10.50 -5.14
C VAL A 181 16.10 11.72 -4.83
N CYS A 182 16.88 11.62 -3.76
CA CYS A 182 17.53 12.80 -3.17
C CYS A 182 19.03 12.86 -3.42
N GLN A 183 19.56 14.09 -3.51
CA GLN A 183 20.98 14.33 -3.23
C GLN A 183 21.15 14.35 -1.72
N PRO A 184 22.37 14.08 -1.23
CA PRO A 184 22.59 13.98 0.22
C PRO A 184 22.20 15.23 1.04
N ASN A 185 22.20 16.40 0.44
CA ASN A 185 21.87 17.61 1.19
C ASN A 185 20.39 17.75 1.53
N GLU A 186 19.54 17.03 0.78
CA GLU A 186 18.07 17.13 0.90
C GLU A 186 17.49 16.54 2.20
N PHE A 187 18.16 15.54 2.77
CA PHE A 187 17.62 14.88 3.96
C PHE A 187 18.50 15.08 5.18
N ILE A 188 17.92 14.87 6.37
CA ILE A 188 18.63 15.01 7.64
C ILE A 188 18.47 13.75 8.47
N MET A 189 19.53 12.93 8.56
CA MET A 189 19.49 11.69 9.33
C MET A 189 19.04 11.97 10.77
N PRO A 190 18.08 11.15 11.27
CA PRO A 190 17.36 11.41 12.52
C PRO A 190 18.12 10.99 13.78
N ASP A 191 19.34 11.49 13.98
CA ASP A 191 20.21 10.88 14.99
C ASP A 191 21.37 11.75 15.49
N ASN A 192 21.28 13.07 15.35
CA ASN A 192 22.42 13.96 15.66
C ASN A 192 22.21 14.76 16.97
N ALA A 193 21.26 14.31 17.79
CA ALA A 193 20.92 15.02 19.04
C ALA A 193 22.07 15.00 20.05
N VAL A 194 22.21 16.09 20.82
CA VAL A 194 23.19 16.16 21.90
C VAL A 194 22.55 16.75 23.18
N PRO A 195 23.10 16.42 24.35
CA PRO A 195 22.53 16.96 25.59
C PRO A 195 22.42 18.49 25.57
N GLY A 196 21.27 19.02 25.96
CA GLY A 196 21.07 20.47 25.93
C GLY A 196 20.19 20.95 24.80
N ASP A 197 20.07 20.16 23.72
CA ASP A 197 19.07 20.45 22.70
C ASP A 197 17.73 20.51 23.41
N VAL A 198 16.75 21.14 22.77
CA VAL A 198 15.39 21.23 23.31
C VAL A 198 14.43 20.55 22.32
N LEU A 199 13.31 20.02 22.84
CA LEU A 199 12.26 19.39 22.00
C LEU A 199 11.15 20.36 21.55
N VAL A 200 10.97 20.46 20.24
CA VAL A 200 9.93 21.30 19.62
C VAL A 200 8.83 20.47 18.96
N LEU A 201 7.57 20.76 19.27
CA LEU A 201 6.42 20.10 18.65
C LEU A 201 5.55 21.10 17.91
N THR A 202 5.20 20.82 16.65
CA THR A 202 4.53 21.83 15.83
C THR A 202 2.99 21.73 15.66
N LYS A 203 2.36 20.70 16.22
CA LYS A 203 0.88 20.58 16.29
C LYS A 203 0.48 20.13 17.69
N PRO A 204 -0.69 20.57 18.19
CA PRO A 204 -1.22 20.19 19.51
C PRO A 204 -1.71 18.73 19.61
N LEU A 205 -1.73 18.16 20.81
CA LEU A 205 -2.19 16.77 21.03
C LEU A 205 -3.71 16.63 21.25
N GLY A 206 -4.20 15.39 21.23
CA GLY A 206 -5.62 15.11 21.45
C GLY A 206 -6.53 14.78 20.27
N THR A 207 -5.97 14.52 19.08
CA THR A 207 -6.80 14.29 17.88
C THR A 207 -7.77 13.10 17.95
N GLN A 208 -7.37 12.02 18.62
CA GLN A 208 -8.27 10.86 18.80
C GLN A 208 -9.47 11.24 19.66
N VAL A 209 -9.23 11.83 20.83
CA VAL A 209 -10.33 12.26 21.72
C VAL A 209 -11.35 13.12 20.98
N ALA A 210 -10.87 14.13 20.24
CA ALA A 210 -11.74 15.03 19.47
C ALA A 210 -12.61 14.29 18.45
N VAL A 211 -12.02 13.39 17.67
CA VAL A 211 -12.81 12.63 16.71
C VAL A 211 -13.78 11.69 17.44
N ALA A 212 -13.32 11.07 18.52
CA ALA A 212 -14.13 10.16 19.33
C ALA A 212 -15.39 10.82 19.85
N VAL A 213 -15.23 11.95 20.53
CA VAL A 213 -16.37 12.61 21.18
C VAL A 213 -17.36 13.16 20.18
N HIS A 214 -16.85 13.60 19.03
CA HIS A 214 -17.70 14.18 18.02
C HIS A 214 -18.70 13.15 17.47
N GLN A 215 -18.21 11.93 17.20
CA GLN A 215 -19.07 10.84 16.76
C GLN A 215 -20.19 10.60 17.79
N TRP A 216 -19.88 10.88 19.05
CA TRP A 216 -20.82 10.62 20.14
C TRP A 216 -22.03 11.56 20.20
N LEU A 217 -21.91 12.75 19.62
CA LEU A 217 -23.07 13.63 19.45
C LEU A 217 -24.25 12.83 18.92
N VAL A 229 -19.09 17.13 31.35
CA VAL A 229 -17.70 17.51 31.21
C VAL A 229 -17.49 18.56 30.11
N VAL A 230 -18.26 18.45 29.03
CA VAL A 230 -18.07 19.31 27.86
C VAL A 230 -19.43 19.60 27.20
N THR A 231 -19.56 20.77 26.60
CA THR A 231 -20.82 21.15 25.96
C THR A 231 -20.84 20.71 24.49
N GLN A 232 -22.03 20.58 23.93
CA GLN A 232 -22.11 20.29 22.50
C GLN A 232 -21.31 21.32 21.72
N GLU A 233 -21.28 22.55 22.20
CA GLU A 233 -20.48 23.58 21.54
C GLU A 233 -18.96 23.36 21.69
N ASP A 234 -18.53 22.93 22.87
CA ASP A 234 -17.12 22.58 23.13
C ASP A 234 -16.66 21.50 22.16
N VAL A 235 -17.59 20.63 21.79
CA VAL A 235 -17.30 19.48 20.95
C VAL A 235 -17.10 19.86 19.49
N GLU A 236 -18.01 20.67 18.94
CA GLU A 236 -17.93 21.09 17.54
C GLU A 236 -16.69 21.94 17.22
N LEU A 237 -16.33 22.86 18.11
CA LEU A 237 -15.14 23.68 17.90
C LEU A 237 -13.87 22.82 17.90
N ALA A 238 -13.88 21.78 18.73
CA ALA A 238 -12.74 20.89 18.84
C ALA A 238 -12.56 20.12 17.54
N TYR A 239 -13.63 19.44 17.11
CA TYR A 239 -13.61 18.64 15.90
C TYR A 239 -13.17 19.44 14.69
N GLN A 240 -13.70 20.65 14.55
CA GLN A 240 -13.36 21.51 13.42
C GLN A 240 -11.88 21.91 13.47
N GLU A 241 -11.37 22.10 14.67
CA GLU A 241 -9.97 22.49 14.83
C GLU A 241 -9.03 21.32 14.53
N ALA A 242 -9.40 20.14 15.02
CA ALA A 242 -8.58 18.94 14.84
C ALA A 242 -8.57 18.59 13.35
N MET A 243 -9.75 18.70 12.74
CA MET A 243 -9.89 18.51 11.30
C MET A 243 -8.94 19.39 10.49
N MET A 244 -8.92 20.68 10.80
CA MET A 244 -8.01 21.64 10.15
C MET A 244 -6.52 21.33 10.36
N ASN A 245 -6.12 21.04 11.61
CA ASN A 245 -4.71 20.74 11.91
C ASN A 245 -4.24 19.42 11.30
N MET A 246 -5.14 18.44 11.19
CA MET A 246 -4.80 17.19 10.53
C MET A 246 -4.56 17.39 9.01
N ALA A 247 -5.28 18.31 8.41
CA ALA A 247 -5.12 18.58 6.98
C ALA A 247 -3.85 19.40 6.65
N ARG A 248 -3.35 20.17 7.61
CA ARG A 248 -2.17 21.02 7.38
C ARG A 248 -0.87 20.21 7.16
N LEU A 249 -0.08 20.58 6.16
CA LEU A 249 1.13 19.82 5.81
C LEU A 249 2.30 20.16 6.72
N ASN A 250 3.09 19.15 7.07
CA ASN A 250 4.37 19.36 7.76
C ASN A 250 5.55 19.84 6.87
N ARG A 251 5.24 20.25 5.63
CA ARG A 251 6.22 20.65 4.61
C ARG A 251 7.04 21.92 4.92
N THR A 252 6.39 22.92 5.51
CA THR A 252 7.09 24.11 5.97
C THR A 252 8.05 23.78 7.11
N ALA A 253 7.60 22.93 8.03
CA ALA A 253 8.44 22.51 9.16
C ALA A 253 9.71 21.78 8.72
N ALA A 254 9.56 20.83 7.80
CA ALA A 254 10.69 20.14 7.20
C ALA A 254 11.77 21.11 6.69
N GLY A 255 11.33 22.18 6.03
CA GLY A 255 12.24 23.17 5.48
C GLY A 255 12.97 24.00 6.53
N LEU A 256 12.25 24.46 7.54
CA LEU A 256 12.86 25.23 8.63
C LEU A 256 13.81 24.37 9.52
N MET A 257 13.81 23.06 9.33
CA MET A 257 14.76 22.20 10.05
C MET A 257 16.15 22.32 9.42
N HIS A 258 16.17 22.66 8.14
CA HIS A 258 17.41 23.01 7.48
C HIS A 258 17.84 24.44 7.89
N THR A 259 16.96 25.41 7.69
CA THR A 259 17.22 26.81 8.05
C THR A 259 17.80 26.93 9.47
N PHE A 260 17.25 26.14 10.41
CA PHE A 260 17.70 26.20 11.81
C PHE A 260 18.47 24.98 12.31
N ASN A 261 19.20 24.32 11.41
CA ASN A 261 20.11 23.26 11.79
C ASN A 261 19.58 22.25 12.83
N ALA A 262 18.40 21.68 12.60
CA ALA A 262 17.88 20.60 13.44
C ALA A 262 18.82 19.38 13.48
N HIS A 263 18.85 18.69 14.62
CA HIS A 263 19.71 17.50 14.82
C HIS A 263 18.98 16.15 14.65
N ALA A 264 17.66 16.17 14.78
CA ALA A 264 16.87 14.96 14.59
C ALA A 264 15.40 15.31 14.59
N ALA A 265 14.57 14.45 14.01
CA ALA A 265 13.13 14.68 14.08
C ALA A 265 12.33 13.40 13.84
N THR A 266 11.11 13.36 14.36
CA THR A 266 10.10 12.37 13.99
C THR A 266 8.73 13.07 13.82
N ASP A 267 7.78 12.40 13.18
CA ASP A 267 6.38 12.87 13.26
C ASP A 267 5.57 12.07 14.30
N ILE A 268 4.53 12.71 14.82
CA ILE A 268 3.71 12.08 15.86
C ILE A 268 2.40 11.50 15.27
N THR A 269 2.33 10.17 15.20
CA THR A 269 1.15 9.48 14.64
C THR A 269 0.57 8.43 15.62
N GLY A 270 0.18 7.27 15.12
CA GLY A 270 -0.55 6.27 15.89
C GLY A 270 -0.08 5.80 17.26
N PHE A 271 1.22 5.88 17.56
CA PHE A 271 1.73 5.42 18.88
C PHE A 271 1.69 6.56 19.93
N GLY A 272 1.37 7.77 19.50
CA GLY A 272 1.23 8.91 20.40
C GLY A 272 2.55 9.62 20.71
N ILE A 273 2.46 10.77 21.37
CA ILE A 273 3.65 11.59 21.65
C ILE A 273 4.77 10.76 22.28
N LEU A 274 4.44 9.96 23.29
CA LEU A 274 5.47 9.17 23.98
C LEU A 274 5.98 7.99 23.15
N GLY A 275 5.09 7.36 22.40
CA GLY A 275 5.48 6.23 21.57
C GLY A 275 6.54 6.59 20.55
N HIS A 276 6.30 7.68 19.84
CA HIS A 276 7.22 8.12 18.82
C HIS A 276 8.47 8.78 19.42
N ALA A 277 8.31 9.46 20.56
CA ALA A 277 9.46 10.01 21.25
C ALA A 277 10.46 8.92 21.61
N GLN A 278 9.95 7.84 22.19
CA GLN A 278 10.75 6.70 22.66
C GLN A 278 11.52 6.03 21.50
N ASN A 279 10.87 5.90 20.33
CA ASN A 279 11.49 5.34 19.13
C ASN A 279 12.56 6.26 18.55
N LEU A 280 12.32 7.58 18.56
CA LEU A 280 13.35 8.51 18.10
C LEU A 280 14.59 8.37 18.97
N ALA A 281 14.39 8.41 20.28
CA ALA A 281 15.50 8.42 21.24
C ALA A 281 16.46 7.26 20.98
N LYS A 282 15.89 6.05 20.91
CA LYS A 282 16.65 4.83 20.71
C LYS A 282 17.51 4.87 19.43
N GLN A 283 17.18 5.80 18.54
CA GLN A 283 17.89 5.95 17.27
C GLN A 283 19.17 6.82 17.41
N GLN A 284 19.32 7.52 18.53
CA GLN A 284 20.42 8.48 18.67
C GLN A 284 21.82 7.83 18.72
N ARG A 285 22.74 8.41 17.95
CA ARG A 285 24.17 8.09 17.95
C ARG A 285 24.80 8.35 19.32
N ASN A 286 24.48 9.52 19.89
CA ASN A 286 25.01 9.94 21.19
C ASN A 286 24.20 9.34 22.33
N GLU A 287 24.82 9.16 23.50
CA GLU A 287 24.10 8.71 24.68
C GLU A 287 23.23 9.84 25.26
N VAL A 288 21.97 9.89 24.84
CA VAL A 288 21.03 10.93 25.25
C VAL A 288 19.71 10.29 25.65
N SER A 289 18.93 11.02 26.43
CA SER A 289 17.58 10.61 26.81
C SER A 289 16.64 11.82 26.72
N PHE A 290 15.36 11.57 26.44
CA PHE A 290 14.40 12.65 26.21
C PHE A 290 13.44 12.85 27.39
N VAL A 291 13.20 14.11 27.77
CA VAL A 291 12.25 14.41 28.84
C VAL A 291 11.25 15.50 28.40
N ILE A 292 9.98 15.12 28.36
CA ILE A 292 8.91 16.02 27.91
C ILE A 292 8.23 16.61 29.13
N HIS A 293 8.14 17.94 29.16
CA HIS A 293 7.75 18.66 30.36
C HIS A 293 6.31 19.11 30.30
N ASN A 294 5.90 19.60 29.13
CA ASN A 294 4.52 20.03 28.99
C ASN A 294 3.87 19.52 27.73
N LEU A 295 2.54 19.44 27.78
CA LEU A 295 1.73 18.90 26.70
C LEU A 295 0.73 19.94 26.22
N PRO A 296 0.90 20.42 24.96
CA PRO A 296 -0.04 21.33 24.28
C PRO A 296 -1.23 20.55 23.71
N VAL A 297 -2.37 20.61 24.39
CA VAL A 297 -3.54 19.82 24.01
C VAL A 297 -4.68 20.70 23.52
N LEU A 298 -5.43 20.23 22.53
CA LEU A 298 -6.64 20.93 22.11
C LEU A 298 -7.52 21.13 23.35
N ALA A 299 -7.98 22.36 23.56
CA ALA A 299 -8.69 22.71 24.77
C ALA A 299 -9.92 21.82 25.03
N LYS A 300 -10.04 21.36 26.29
CA LYS A 300 -11.16 20.55 26.78
C LYS A 300 -10.96 19.04 26.57
N MET A 301 -10.00 18.66 25.72
CA MET A 301 -9.86 17.27 25.38
C MET A 301 -9.13 16.48 26.48
N ALA A 302 -8.26 17.16 27.23
CA ALA A 302 -7.67 16.54 28.43
C ALA A 302 -8.77 16.10 29.41
N ALA A 303 -9.78 16.97 29.60
CA ALA A 303 -10.85 16.70 30.55
C ALA A 303 -11.71 15.53 30.09
N VAL A 304 -11.82 15.34 28.79
CA VAL A 304 -12.57 14.20 28.28
C VAL A 304 -11.78 12.90 28.54
N SER A 305 -10.55 12.83 28.07
CA SER A 305 -9.76 11.60 28.23
C SER A 305 -9.73 11.21 29.70
N LYS A 306 -9.55 12.21 30.56
CA LYS A 306 -9.52 12.00 32.01
C LYS A 306 -10.80 11.35 32.52
N ALA A 307 -11.94 11.87 32.08
CA ALA A 307 -13.26 11.32 32.45
C ALA A 307 -13.51 9.91 31.90
N CYS A 308 -12.65 9.45 31.00
CA CYS A 308 -12.81 8.12 30.38
C CYS A 308 -11.74 7.13 30.87
N GLY A 309 -11.16 7.43 32.02
CA GLY A 309 -10.16 6.57 32.63
C GLY A 309 -9.06 6.17 31.68
N ASN A 310 -9.06 4.90 31.30
CA ASN A 310 -8.01 4.35 30.46
C ASN A 310 -8.48 4.06 29.04
N MET A 311 -9.52 4.76 28.60
CA MET A 311 -9.96 4.65 27.21
C MET A 311 -8.94 5.20 26.23
N PHE A 312 -8.24 6.27 26.64
CA PHE A 312 -7.35 7.01 25.74
C PHE A 312 -5.92 7.03 26.23
N GLY A 313 -5.71 7.51 27.45
CA GLY A 313 -4.39 7.63 28.03
C GLY A 313 -3.66 8.86 27.53
N LEU A 314 -4.40 9.95 27.31
CA LEU A 314 -3.83 11.19 26.77
C LEU A 314 -2.65 11.69 27.61
N MET A 315 -2.81 11.66 28.93
CA MET A 315 -1.81 12.12 29.91
C MET A 315 -0.63 11.15 30.12
N HIS A 316 -0.75 9.94 29.61
CA HIS A 316 0.32 8.94 29.73
C HIS A 316 1.22 9.03 28.48
N GLY A 317 0.70 9.63 27.42
CA GLY A 317 1.48 9.94 26.25
C GLY A 317 1.32 8.94 25.12
N THR A 318 0.46 7.95 25.29
CA THR A 318 0.36 6.88 24.30
C THR A 318 -0.90 6.98 23.48
N CYS A 319 -1.64 8.07 23.64
CA CYS A 319 -2.89 8.26 22.92
C CYS A 319 -2.62 8.50 21.43
N PRO A 320 -3.21 7.65 20.58
CA PRO A 320 -2.88 7.74 19.16
C PRO A 320 -3.13 9.14 18.61
N GLU A 321 -2.19 9.62 17.79
CA GLU A 321 -2.46 10.80 16.97
C GLU A 321 -2.69 10.37 15.52
N THR A 322 -3.46 11.19 14.79
CA THR A 322 -3.51 11.17 13.34
C THR A 322 -2.88 12.47 12.79
N SER A 323 -2.09 12.36 11.71
CA SER A 323 -1.49 13.53 11.06
C SER A 323 -1.04 14.60 12.07
N GLY A 324 -0.24 14.17 13.04
CA GLY A 324 0.31 15.08 14.03
C GLY A 324 1.41 15.94 13.47
N GLY A 325 2.02 16.78 14.29
CA GLY A 325 3.12 17.63 13.82
C GLY A 325 4.49 17.00 14.02
N LEU A 326 5.54 17.79 13.83
CA LEU A 326 6.91 17.30 13.98
C LEU A 326 7.42 17.50 15.41
N LEU A 327 8.14 16.49 15.90
CA LEU A 327 8.91 16.56 17.15
C LEU A 327 10.40 16.63 16.79
N ILE A 328 11.03 17.76 17.10
CA ILE A 328 12.34 18.11 16.55
C ILE A 328 13.33 18.43 17.66
N CYS A 329 14.57 18.00 17.48
CA CYS A 329 15.63 18.24 18.44
C CYS A 329 16.48 19.41 17.88
N LEU A 330 16.39 20.57 18.52
CA LEU A 330 17.03 21.81 18.05
C LEU A 330 17.92 22.41 19.17
N PRO A 331 19.10 22.97 18.81
CA PRO A 331 19.84 23.73 19.83
C PRO A 331 18.99 24.90 20.37
N ARG A 332 19.27 25.34 21.59
CA ARG A 332 18.41 26.31 22.26
C ARG A 332 18.21 27.65 21.51
N GLU A 333 19.23 28.12 20.82
CA GLU A 333 19.12 29.37 20.08
C GLU A 333 18.26 29.22 18.82
N GLN A 334 18.51 28.15 18.07
CA GLN A 334 17.76 27.89 16.84
C GLN A 334 16.27 27.70 17.14
N ALA A 335 15.95 27.50 18.42
CA ALA A 335 14.62 27.08 18.87
C ALA A 335 13.57 28.20 18.92
N ALA A 336 13.85 29.26 19.64
CA ALA A 336 12.98 30.43 19.64
C ALA A 336 12.87 31.04 18.25
N ARG A 337 14.00 31.11 17.54
CA ARG A 337 14.01 31.63 16.19
C ARG A 337 13.13 30.78 15.28
N PHE A 338 13.26 29.45 15.37
CA PHE A 338 12.39 28.52 14.65
C PHE A 338 10.93 28.75 15.03
N CYS A 339 10.64 28.85 16.32
CA CYS A 339 9.27 29.11 16.78
C CYS A 339 8.69 30.45 16.28
N ALA A 340 9.51 31.49 16.25
CA ALA A 340 9.12 32.80 15.74
C ALA A 340 8.75 32.79 14.27
N GLU A 341 9.53 32.06 13.47
CA GLU A 341 9.36 32.06 12.04
C GLU A 341 8.23 31.15 11.56
N ILE A 342 7.89 30.11 12.31
CA ILE A 342 6.78 29.23 11.87
C ILE A 342 5.45 29.93 12.07
N LYS A 343 5.39 30.77 13.11
CA LYS A 343 4.17 31.47 13.51
C LYS A 343 3.94 32.67 12.61
N SER A 344 5.02 33.39 12.34
CA SER A 344 4.96 34.61 11.55
C SER A 344 5.92 34.58 10.37
N PRO A 345 5.62 33.76 9.35
CA PRO A 345 6.46 33.59 8.15
C PRO A 345 6.25 34.71 7.13
N GLU A 349 -0.98 31.95 7.22
CA GLU A 349 0.25 31.31 6.76
C GLU A 349 1.00 30.67 7.92
N GLY A 350 1.06 31.36 9.05
CA GLY A 350 1.82 30.87 10.18
C GLY A 350 1.06 30.00 11.15
N HIS A 351 1.78 29.13 11.85
CA HIS A 351 1.18 28.31 12.91
C HIS A 351 2.10 28.21 14.12
N GLN A 352 1.49 28.28 15.31
CA GLN A 352 2.24 28.21 16.56
C GLN A 352 2.88 26.84 16.79
N ALA A 353 4.04 26.84 17.45
CA ALA A 353 4.75 25.63 17.88
C ALA A 353 5.17 25.86 19.33
N TRP A 354 5.52 24.78 20.03
CA TRP A 354 5.80 24.85 21.47
C TRP A 354 7.13 24.21 21.84
N ILE A 355 7.81 24.80 22.82
CA ILE A 355 8.91 24.11 23.52
C ILE A 355 8.34 23.17 24.60
N ILE A 356 8.56 21.87 24.46
CA ILE A 356 7.90 20.91 25.37
C ILE A 356 8.80 20.08 26.29
N GLY A 357 10.10 20.03 25.99
CA GLY A 357 11.04 19.24 26.76
C GLY A 357 12.51 19.43 26.44
N ILE A 358 13.34 18.59 27.05
CA ILE A 358 14.80 18.67 26.96
C ILE A 358 15.49 17.37 26.51
N VAL A 359 16.68 17.52 25.91
CA VAL A 359 17.58 16.39 25.65
C VAL A 359 18.73 16.41 26.68
N GLU A 360 18.99 15.25 27.29
CA GLU A 360 20.00 15.15 28.35
C GLU A 360 20.88 13.93 28.11
N LYS A 361 22.04 13.88 28.78
CA LYS A 361 22.83 12.64 28.80
C LYS A 361 21.97 11.53 29.35
N GLY A 362 21.96 10.38 28.70
CA GLY A 362 21.08 9.31 29.13
C GLY A 362 21.39 8.01 28.41
N ASN A 363 20.47 7.07 28.49
CA ASN A 363 20.67 5.79 27.86
C ASN A 363 19.71 5.57 26.70
N ARG A 364 19.40 6.61 25.93
CA ARG A 364 18.51 6.47 24.78
C ARG A 364 17.08 5.99 25.11
N THR A 365 16.47 6.62 26.09
CA THR A 365 15.05 6.42 26.36
C THR A 365 14.31 7.74 26.39
N ALA A 366 12.97 7.67 26.43
CA ALA A 366 12.13 8.87 26.52
C ALA A 366 11.14 8.71 27.67
N ARG A 367 10.75 9.81 28.31
CA ARG A 367 9.74 9.78 29.38
C ARG A 367 9.02 11.12 29.59
N ILE A 368 7.74 11.09 29.95
CA ILE A 368 7.06 12.33 30.31
C ILE A 368 7.16 12.46 31.84
N ILE A 369 7.21 13.68 32.35
CA ILE A 369 7.43 13.86 33.79
C ILE A 369 6.24 13.41 34.61
N ASP A 370 6.48 13.25 35.91
CA ASP A 370 5.47 12.71 36.81
C ASP A 370 4.16 13.50 36.74
N LYS A 371 4.24 14.83 36.68
CA LYS A 371 3.06 15.67 36.55
C LYS A 371 3.24 16.71 35.44
N PRO A 372 2.81 16.39 34.20
CA PRO A 372 3.06 17.32 33.09
C PRO A 372 2.14 18.54 33.13
N ARG A 373 2.64 19.68 32.65
CA ARG A 373 1.79 20.86 32.44
C ARG A 373 1.00 20.74 31.14
N ILE A 374 -0.31 20.91 31.25
CA ILE A 374 -1.20 20.82 30.10
C ILE A 374 -1.53 22.21 29.57
N ILE A 375 -0.98 22.52 28.40
CA ILE A 375 -1.31 23.76 27.75
C ILE A 375 -2.61 23.56 26.96
N GLU A 376 -3.62 24.35 27.33
CA GLU A 376 -4.93 24.30 26.71
C GLU A 376 -4.94 25.30 25.57
N VAL A 377 -4.98 24.78 24.35
CA VAL A 377 -4.87 25.59 23.16
C VAL A 377 -6.26 25.83 22.59
N ALA A 378 -6.74 27.06 22.70
CA ALA A 378 -8.08 27.41 22.22
C ALA A 378 -8.13 27.49 20.68
N PRO A 379 -9.32 27.21 20.10
CA PRO A 379 -9.52 27.31 18.65
C PRO A 379 -9.13 28.69 18.14
N SER B 8 0.44 -28.88 1.79
CA SER B 8 1.60 -29.24 2.57
C SER B 8 1.64 -28.43 3.86
N PHE B 9 0.47 -27.91 4.24
CA PHE B 9 0.34 -27.20 5.50
C PHE B 9 -0.72 -27.82 6.41
N ASN B 10 -0.44 -27.85 7.71
CA ASN B 10 -1.39 -28.38 8.69
C ASN B 10 -1.42 -27.57 10.00
N PRO B 11 -2.60 -27.03 10.37
CA PRO B 11 -2.68 -26.19 11.56
C PRO B 11 -2.32 -26.93 12.86
N GLU B 12 -2.30 -28.26 12.81
CA GLU B 12 -2.00 -29.09 13.99
C GLU B 12 -0.78 -28.61 14.78
N SER B 13 0.40 -28.67 14.16
CA SER B 13 1.61 -28.13 14.78
C SER B 13 1.52 -26.60 14.81
N TYR B 14 2.58 -25.93 15.25
CA TYR B 14 2.50 -24.51 15.53
C TYR B 14 1.59 -24.29 16.75
N LEU B 16 -2.67 -24.72 16.75
CA LEU B 16 -3.90 -24.10 16.28
C LEU B 16 -5.02 -25.13 16.10
N ASP B 17 -6.27 -24.67 16.05
CA ASP B 17 -7.39 -25.54 15.71
C ASP B 17 -7.04 -26.38 14.49
N LYS B 18 -7.28 -27.68 14.57
CA LYS B 18 -7.13 -28.56 13.42
C LYS B 18 -8.01 -28.00 12.32
N SER B 19 -9.01 -27.21 12.76
CA SER B 19 -9.97 -26.56 11.89
C SER B 19 -9.46 -25.23 11.32
N PHE B 20 -8.25 -24.83 11.71
CA PHE B 20 -7.73 -23.50 11.35
C PHE B 20 -7.53 -23.37 9.85
N ARG B 21 -8.11 -22.32 9.27
CA ARG B 21 -7.85 -21.99 7.87
C ARG B 21 -7.51 -20.51 7.74
N LEU B 22 -6.52 -20.21 6.90
CA LEU B 22 -6.09 -18.82 6.70
C LEU B 22 -7.04 -18.10 5.77
N THR B 23 -7.68 -18.86 4.87
CA THR B 23 -8.58 -18.26 3.87
C THR B 23 -9.94 -17.91 4.46
N ARG B 24 -10.12 -18.26 5.74
CA ARG B 24 -11.32 -17.93 6.48
C ARG B 24 -11.40 -16.42 6.81
N PHE B 25 -10.22 -15.78 6.88
CA PHE B 25 -10.12 -14.39 7.30
C PHE B 25 -10.22 -13.41 6.13
N THR B 26 -11.09 -13.77 5.17
CA THR B 26 -11.51 -12.91 4.07
C THR B 26 -12.81 -13.48 3.53
N GLU B 27 -13.30 -12.95 2.42
CA GLU B 27 -14.47 -13.54 1.78
C GLU B 27 -14.28 -13.70 0.27
N LEU B 28 -14.34 -14.97 -0.15
CA LEU B 28 -14.01 -15.38 -1.51
C LEU B 28 -15.19 -15.25 -2.46
N LYS B 29 -14.93 -14.67 -3.62
CA LYS B 29 -15.94 -14.43 -4.65
C LYS B 29 -15.39 -14.90 -6.01
N GLY B 30 -16.24 -15.50 -6.83
CA GLY B 30 -15.79 -16.02 -8.11
C GLY B 30 -15.19 -14.93 -8.96
N THR B 31 -15.69 -13.71 -8.75
CA THR B 31 -15.27 -12.53 -9.48
C THR B 31 -14.27 -11.68 -8.65
N GLY B 32 -13.75 -12.26 -7.58
CA GLY B 32 -12.68 -11.64 -6.80
C GLY B 32 -13.13 -10.36 -6.13
N CYS B 33 -12.19 -9.65 -5.49
CA CYS B 33 -12.50 -8.48 -4.65
C CYS B 33 -12.18 -7.10 -5.24
N LYS B 34 -11.68 -7.03 -6.48
CA LYS B 34 -11.27 -5.73 -7.03
C LYS B 34 -12.48 -4.82 -7.34
N VAL B 35 -12.34 -3.51 -7.14
CA VAL B 35 -13.31 -2.58 -7.69
C VAL B 35 -13.23 -2.79 -9.20
N PRO B 36 -14.36 -3.12 -9.83
CA PRO B 36 -14.35 -3.53 -11.24
C PRO B 36 -13.69 -2.48 -12.12
N GLN B 37 -13.05 -2.94 -13.18
CA GLN B 37 -12.29 -2.08 -14.08
C GLN B 37 -13.04 -0.79 -14.39
N ASP B 38 -14.26 -0.95 -14.91
CA ASP B 38 -15.03 0.19 -15.41
C ASP B 38 -15.34 1.23 -14.34
N VAL B 39 -15.84 0.76 -13.20
CA VAL B 39 -16.09 1.61 -12.04
C VAL B 39 -14.81 2.36 -11.68
N LEU B 40 -13.71 1.62 -11.57
CA LEU B 40 -12.42 2.20 -11.26
C LEU B 40 -12.10 3.39 -12.18
N GLN B 41 -12.25 3.21 -13.48
CA GLN B 41 -11.82 4.23 -14.42
C GLN B 41 -12.50 5.57 -14.20
N LYS B 42 -13.82 5.54 -13.92
CA LYS B 42 -14.58 6.77 -13.73
C LYS B 42 -14.46 7.38 -12.33
N LEU B 43 -13.71 6.74 -11.45
CA LEU B 43 -13.38 7.33 -10.16
C LEU B 43 -12.08 8.12 -10.25
N LEU B 44 -11.20 7.73 -11.18
CA LEU B 44 -9.88 8.35 -11.30
C LEU B 44 -9.83 9.51 -12.30
N GLU B 45 -10.90 9.69 -13.08
CA GLU B 45 -10.94 10.72 -14.13
C GLU B 45 -10.29 12.04 -13.74
N SER B 46 -10.65 12.57 -12.57
CA SER B 46 -10.00 13.78 -12.06
C SER B 46 -8.48 13.70 -12.14
N LEU B 47 -7.87 12.88 -11.29
CA LEU B 47 -6.41 12.74 -11.26
C LEU B 47 -5.86 12.80 -12.67
N VAL B 62 12.38 14.75 -25.71
CA VAL B 62 11.82 14.52 -24.40
C VAL B 62 11.85 13.05 -24.03
N MET B 63 11.81 12.80 -22.72
CA MET B 63 11.80 11.46 -22.15
C MET B 63 10.37 10.93 -22.07
N PRO B 64 10.18 9.64 -22.42
CA PRO B 64 8.85 9.01 -22.32
C PRO B 64 8.29 8.96 -20.89
N ARG B 65 6.98 9.16 -20.76
CA ARG B 65 6.34 9.20 -19.45
C ARG B 65 5.11 8.31 -19.41
N LEU B 66 4.77 7.84 -18.22
CA LEU B 66 3.69 6.90 -18.04
C LEU B 66 3.06 7.21 -16.68
N GLY B 67 1.77 7.56 -16.70
CA GLY B 67 1.00 7.83 -15.50
C GLY B 67 -0.03 6.75 -15.19
N ILE B 68 -1.24 7.14 -14.82
CA ILE B 68 -2.27 6.17 -14.44
C ILE B 68 -2.83 5.36 -15.61
N GLY B 69 -2.99 4.06 -15.40
CA GLY B 69 -3.60 3.20 -16.41
C GLY B 69 -2.93 1.84 -16.51
N MET B 70 -1.71 1.81 -17.06
CA MET B 70 -0.97 0.56 -17.26
C MET B 70 -0.43 -0.05 -15.95
N ASP B 71 0.76 -0.64 -15.99
CA ASP B 71 1.27 -1.42 -14.87
C ASP B 71 2.14 -0.61 -13.90
N THR B 72 3.01 0.24 -14.42
CA THR B 72 3.80 1.13 -13.55
C THR B 72 3.68 2.61 -13.97
N CYS B 73 4.13 3.51 -13.11
CA CYS B 73 4.47 4.88 -13.55
C CYS B 73 5.88 4.86 -14.16
N VAL B 74 6.18 5.84 -15.01
CA VAL B 74 7.54 6.11 -15.51
C VAL B 74 7.75 7.62 -15.43
N ILE B 75 8.46 8.09 -14.40
CA ILE B 75 8.56 9.53 -14.10
C ILE B 75 9.96 10.11 -14.30
N PRO B 76 10.14 10.92 -15.36
CA PRO B 76 11.47 11.55 -15.58
C PRO B 76 11.88 12.45 -14.42
N LEU B 77 13.05 12.20 -13.87
CA LEU B 77 13.55 12.97 -12.73
C LEU B 77 14.59 13.97 -13.25
N ARG B 78 14.64 15.15 -12.65
CA ARG B 78 15.63 16.15 -13.01
C ARG B 78 16.98 15.75 -12.45
N HIS B 79 17.57 14.71 -13.04
CA HIS B 79 18.83 14.11 -12.60
C HIS B 79 19.34 13.10 -13.62
N GLY B 80 20.41 13.45 -14.33
CA GLY B 80 21.15 12.50 -15.16
C GLY B 80 20.40 11.43 -15.94
N GLY B 81 19.31 11.82 -16.59
CA GLY B 81 18.55 10.90 -17.42
C GLY B 81 17.95 9.70 -16.68
N LEU B 82 17.67 9.85 -15.39
CA LEU B 82 16.93 8.81 -14.68
C LEU B 82 15.40 9.00 -14.74
N SER B 83 14.64 7.93 -14.49
CA SER B 83 13.19 8.00 -14.33
C SER B 83 12.75 7.01 -13.26
N LEU B 84 11.71 7.37 -12.51
CA LEU B 84 11.19 6.52 -11.42
C LEU B 84 10.19 5.50 -11.96
N VAL B 85 10.42 4.22 -11.70
CA VAL B 85 9.46 3.15 -12.03
C VAL B 85 8.97 2.43 -10.75
N GLN B 86 7.68 2.52 -10.44
CA GLN B 86 7.13 1.82 -9.26
C GLN B 86 5.65 1.40 -9.36
N THR B 87 5.21 0.70 -8.32
CA THR B 87 3.95 -0.04 -8.33
C THR B 87 3.57 -0.53 -6.93
N THR B 88 2.28 -0.74 -6.72
CA THR B 88 1.75 -1.27 -5.46
C THR B 88 0.62 -2.27 -5.72
N ASP B 89 0.27 -3.03 -4.69
CA ASP B 89 -0.78 -4.03 -4.79
C ASP B 89 -1.14 -4.47 -3.39
N TYR B 90 -2.40 -4.81 -3.18
CA TYR B 90 -2.80 -5.60 -2.02
C TYR B 90 -3.94 -6.61 -2.33
N ILE B 91 -3.93 -7.72 -1.59
CA ILE B 91 -4.82 -8.87 -1.83
C ILE B 91 -5.21 -9.50 -0.47
N TYR B 92 -5.99 -10.59 -0.51
CA TYR B 92 -6.41 -11.30 0.71
C TYR B 92 -6.02 -12.80 0.57
N PRO B 93 -6.00 -13.58 1.66
CA PRO B 93 -5.55 -14.99 1.54
C PRO B 93 -6.35 -15.83 0.52
N ILE B 94 -5.67 -16.42 -0.46
CA ILE B 94 -6.25 -17.37 -1.43
C ILE B 94 -5.70 -18.80 -1.33
N VAL B 95 -4.74 -18.98 -0.42
CA VAL B 95 -4.19 -20.31 -0.10
C VAL B 95 -4.10 -20.46 1.44
N ASP B 96 -4.20 -21.70 1.95
CA ASP B 96 -4.14 -21.89 3.40
C ASP B 96 -2.71 -22.09 3.91
N ASP B 97 -1.78 -22.17 2.97
CA ASP B 97 -0.38 -22.22 3.33
C ASP B 97 0.09 -20.77 3.59
N PRO B 98 0.50 -20.47 4.83
CA PRO B 98 0.85 -19.09 5.17
C PRO B 98 2.14 -18.63 4.49
N TYR B 99 3.21 -19.40 4.64
CA TYR B 99 4.49 -19.05 4.03
C TYR B 99 4.37 -18.88 2.51
N MET B 100 3.58 -19.76 1.89
CA MET B 100 3.38 -19.71 0.45
C MET B 100 2.49 -18.51 0.12
N MET B 101 1.66 -18.08 1.07
CA MET B 101 0.85 -16.87 0.88
C MET B 101 1.76 -15.64 0.96
N GLY B 102 2.78 -15.69 1.82
CA GLY B 102 3.81 -14.67 1.83
C GLY B 102 4.52 -14.55 0.48
N ARG B 103 5.00 -15.68 -0.05
CA ARG B 103 5.68 -15.72 -1.36
C ARG B 103 4.83 -15.17 -2.49
N ILE B 104 3.55 -15.54 -2.51
CA ILE B 104 2.64 -15.09 -3.58
C ILE B 104 2.28 -13.60 -3.51
N ALA B 105 2.07 -13.07 -2.31
CA ALA B 105 1.76 -11.64 -2.19
C ALA B 105 2.90 -10.75 -2.68
N CYS B 106 4.14 -11.22 -2.49
CA CYS B 106 5.34 -10.53 -3.00
C CYS B 106 5.50 -10.72 -4.51
N ALA B 107 5.29 -11.93 -5.00
CA ALA B 107 5.40 -12.16 -6.45
C ALA B 107 4.47 -11.24 -7.23
N ASN B 108 3.27 -11.01 -6.69
CA ASN B 108 2.26 -10.18 -7.34
C ASN B 108 2.62 -8.69 -7.36
N VAL B 109 3.25 -8.20 -6.29
CA VAL B 109 3.71 -6.80 -6.28
C VAL B 109 4.75 -6.56 -7.39
N LEU B 110 5.69 -7.48 -7.53
CA LEU B 110 6.79 -7.41 -8.51
C LEU B 110 6.30 -7.65 -9.92
N SER B 111 5.33 -8.55 -10.06
CA SER B 111 4.75 -8.90 -11.35
C SER B 111 4.51 -7.65 -12.22
N ASP B 112 4.21 -6.53 -11.57
CA ASP B 112 3.98 -5.30 -12.31
C ASP B 112 5.28 -4.69 -12.84
N LEU B 113 6.35 -4.68 -12.02
CA LEU B 113 7.67 -4.23 -12.46
C LEU B 113 8.15 -5.03 -13.68
N TYR B 114 7.94 -6.34 -13.63
CA TYR B 114 8.35 -7.24 -14.71
C TYR B 114 7.56 -7.05 -16.01
N ALA B 115 6.43 -6.36 -15.95
CA ALA B 115 5.65 -6.01 -17.16
C ALA B 115 6.37 -5.00 -18.08
N MET B 116 7.21 -4.17 -17.47
CA MET B 116 7.99 -3.14 -18.18
C MET B 116 9.39 -3.62 -18.57
N GLY B 117 9.62 -4.93 -18.49
CA GLY B 117 10.93 -5.46 -18.80
C GLY B 117 11.98 -5.05 -17.77
N VAL B 118 11.55 -4.65 -16.58
CA VAL B 118 12.50 -4.16 -15.58
C VAL B 118 12.93 -5.29 -14.63
N THR B 119 14.17 -5.77 -14.80
CA THR B 119 14.65 -6.95 -14.04
C THR B 119 15.17 -6.62 -12.63
N GLU B 120 15.59 -5.37 -12.40
CA GLU B 120 16.03 -4.98 -11.05
C GLU B 120 14.95 -4.28 -10.21
N CYS B 121 15.02 -4.51 -8.89
CA CYS B 121 14.16 -3.82 -7.91
C CYS B 121 15.05 -3.26 -6.81
N ASP B 122 15.10 -1.93 -6.71
CA ASP B 122 16.00 -1.26 -5.80
C ASP B 122 15.51 -1.21 -4.32
N ASN B 123 14.21 -1.43 -4.08
CA ASN B 123 13.67 -1.54 -2.70
C ASN B 123 12.21 -1.99 -2.65
N MET B 124 11.83 -2.67 -1.57
CA MET B 124 10.42 -3.01 -1.30
C MET B 124 9.92 -2.50 0.05
N LEU B 125 8.62 -2.22 0.08
CA LEU B 125 7.86 -1.98 1.30
C LEU B 125 6.76 -3.04 1.38
N MET B 126 6.34 -3.39 2.59
CA MET B 126 5.24 -4.34 2.85
C MET B 126 3.95 -3.65 3.34
N LEU B 127 2.81 -4.18 2.92
CA LEU B 127 1.52 -3.79 3.45
C LEU B 127 0.89 -5.00 4.18
N LEU B 128 0.59 -4.84 5.47
CA LEU B 128 0.16 -5.96 6.30
C LEU B 128 -1.04 -5.62 7.15
N GLY B 129 -2.07 -6.46 7.07
CA GLY B 129 -3.21 -6.38 7.98
C GLY B 129 -3.41 -7.66 8.75
N VAL B 130 -3.63 -7.52 10.07
CA VAL B 130 -4.01 -8.64 10.92
C VAL B 130 -5.51 -8.63 11.15
N SER B 131 -6.16 -9.78 11.03
CA SER B 131 -7.60 -9.85 11.30
C SER B 131 -7.83 -9.64 12.78
N ASN B 132 -8.80 -8.79 13.13
CA ASN B 132 -9.15 -8.63 14.53
C ASN B 132 -9.88 -9.87 15.04
N LYS B 133 -10.03 -10.85 14.15
CA LYS B 133 -10.72 -12.10 14.49
C LYS B 133 -9.76 -13.22 14.86
N MET B 134 -8.46 -13.00 14.68
CA MET B 134 -7.48 -14.06 14.97
C MET B 134 -6.74 -13.90 16.31
N THR B 135 -6.99 -14.85 17.20
CA THR B 135 -6.37 -14.87 18.53
C THR B 135 -4.86 -14.62 18.50
N ASP B 136 -4.30 -14.25 19.65
CA ASP B 136 -2.88 -13.92 19.77
C ASP B 136 -1.97 -15.11 19.39
N ARG B 137 -2.34 -16.32 19.79
CA ARG B 137 -1.53 -17.50 19.44
C ARG B 137 -1.40 -17.64 17.93
N GLU B 138 -2.54 -17.56 17.24
CA GLU B 138 -2.62 -17.65 15.80
C GLU B 138 -1.76 -16.57 15.10
N ARG B 139 -1.73 -15.38 15.68
CA ARG B 139 -0.97 -14.26 15.13
C ARG B 139 0.53 -14.56 15.15
N ASP B 140 1.08 -14.81 16.34
CA ASP B 140 2.52 -14.96 16.53
C ASP B 140 3.02 -16.29 15.93
N LYS B 141 2.11 -17.09 15.41
CA LYS B 141 2.46 -18.34 14.75
C LYS B 141 2.26 -18.23 13.23
N VAL B 142 1.25 -17.47 12.80
CA VAL B 142 0.92 -17.39 11.38
C VAL B 142 1.58 -16.20 10.68
N MET B 143 1.57 -15.04 11.31
CA MET B 143 2.10 -13.84 10.68
C MET B 143 3.60 -13.92 10.41
N PRO B 144 4.38 -14.63 11.27
CA PRO B 144 5.79 -14.84 10.94
C PRO B 144 5.96 -15.57 9.60
N LEU B 145 5.21 -16.66 9.44
CA LEU B 145 5.16 -17.45 8.20
C LEU B 145 4.94 -16.62 6.92
N ILE B 146 3.98 -15.71 6.97
CA ILE B 146 3.68 -14.85 5.83
C ILE B 146 4.85 -13.92 5.54
N ILE B 147 5.41 -13.36 6.61
CA ILE B 147 6.53 -12.41 6.53
C ILE B 147 7.77 -13.08 5.96
N GLN B 148 8.12 -14.27 6.45
CA GLN B 148 9.29 -14.99 5.91
C GLN B 148 9.12 -15.40 4.45
N GLY B 149 7.92 -15.83 4.08
CA GLY B 149 7.62 -16.12 2.68
C GLY B 149 7.85 -14.88 1.83
N PHE B 150 7.25 -13.76 2.23
CA PHE B 150 7.46 -12.48 1.54
C PHE B 150 8.95 -12.15 1.44
N LYS B 151 9.66 -12.27 2.57
CA LYS B 151 11.10 -12.06 2.61
C LYS B 151 11.90 -13.00 1.68
N ASP B 152 11.49 -14.26 1.60
CA ASP B 152 12.13 -15.24 0.73
C ASP B 152 11.92 -14.90 -0.76
N ALA B 153 10.76 -14.38 -1.08
CA ALA B 153 10.47 -13.97 -2.46
C ALA B 153 11.32 -12.77 -2.88
N ALA B 154 11.36 -11.75 -2.03
CA ALA B 154 12.19 -10.57 -2.25
C ALA B 154 13.67 -10.92 -2.43
N GLU B 155 14.15 -11.94 -1.74
CA GLU B 155 15.55 -12.30 -1.88
C GLU B 155 15.84 -12.96 -3.23
N GLU B 156 14.96 -13.87 -3.64
CA GLU B 156 14.99 -14.44 -4.97
C GLU B 156 15.08 -13.35 -6.05
N ALA B 157 14.31 -12.28 -5.85
CA ALA B 157 14.26 -11.14 -6.79
C ALA B 157 15.44 -10.19 -6.59
N GLY B 158 16.33 -10.56 -5.67
CA GLY B 158 17.50 -9.74 -5.40
C GLY B 158 17.19 -8.39 -4.79
N THR B 159 16.10 -8.31 -4.04
CA THR B 159 15.75 -7.06 -3.33
C THR B 159 15.45 -7.36 -1.86
N SER B 160 14.99 -6.35 -1.13
CA SER B 160 14.59 -6.57 0.28
C SER B 160 13.51 -5.60 0.77
N VAL B 161 12.96 -5.90 1.94
CA VAL B 161 11.87 -5.11 2.51
C VAL B 161 12.47 -4.21 3.58
N THR B 162 12.32 -2.90 3.42
CA THR B 162 12.98 -1.95 4.33
C THR B 162 12.02 -0.94 4.99
N GLY B 163 10.71 -1.17 4.85
CA GLY B 163 9.66 -0.34 5.43
C GLY B 163 8.25 -0.88 5.10
N GLY B 164 7.24 -0.35 5.79
CA GLY B 164 5.86 -0.74 5.54
C GLY B 164 4.83 -0.23 6.55
N GLN B 165 3.71 -0.95 6.68
CA GLN B 165 2.58 -0.52 7.49
C GLN B 165 1.81 -1.74 7.97
N THR B 166 1.38 -1.72 9.23
CA THR B 166 0.72 -2.89 9.82
C THR B 166 -0.47 -2.45 10.68
N VAL B 167 -1.67 -2.85 10.28
CA VAL B 167 -2.90 -2.34 10.90
C VAL B 167 -3.87 -3.50 11.17
N LEU B 168 -4.76 -3.32 12.17
CA LEU B 168 -5.85 -4.26 12.37
C LEU B 168 -6.93 -4.00 11.33
N ASN B 169 -7.57 -5.08 10.89
CA ASN B 169 -8.62 -5.07 9.88
C ASN B 169 -9.52 -6.28 10.16
N PRO B 170 -10.78 -6.23 9.73
CA PRO B 170 -11.57 -7.46 9.90
C PRO B 170 -10.93 -8.65 9.18
N TRP B 171 -10.22 -8.37 8.08
CA TRP B 171 -9.57 -9.39 7.27
C TRP B 171 -8.05 -9.41 7.44
N ILE B 172 -7.44 -10.52 7.06
CA ILE B 172 -5.98 -10.57 6.89
C ILE B 172 -5.63 -9.96 5.54
N VAL B 173 -4.69 -9.00 5.54
CA VAL B 173 -4.37 -8.21 4.35
C VAL B 173 -2.89 -8.34 3.94
N LEU B 174 -2.63 -8.47 2.64
CA LEU B 174 -1.25 -8.67 2.14
C LEU B 174 -0.91 -7.87 0.87
N GLY B 175 0.14 -7.04 0.92
CA GLY B 175 0.60 -6.31 -0.25
C GLY B 175 1.95 -5.63 -0.08
N GLY B 176 2.20 -4.62 -0.89
CA GLY B 176 3.47 -3.92 -0.81
C GLY B 176 3.73 -3.00 -1.98
N VAL B 177 4.97 -2.58 -2.11
CA VAL B 177 5.39 -1.54 -3.06
C VAL B 177 6.69 -2.04 -3.67
N ALA B 178 6.85 -1.86 -4.99
CA ALA B 178 8.11 -2.11 -5.68
C ALA B 178 8.53 -0.84 -6.46
N THR B 179 9.80 -0.48 -6.32
CA THR B 179 10.38 0.76 -6.86
C THR B 179 11.77 0.54 -7.49
N THR B 180 11.96 0.98 -8.74
CA THR B 180 13.30 1.05 -9.34
C THR B 180 13.61 2.42 -9.96
N VAL B 181 14.87 2.83 -9.85
CA VAL B 181 15.36 4.07 -10.43
C VAL B 181 16.23 3.72 -11.66
N CYS B 182 15.67 3.94 -12.85
CA CYS B 182 16.13 3.30 -14.08
C CYS B 182 16.90 4.19 -15.05
N GLN B 183 17.93 3.62 -15.66
CA GLN B 183 18.51 4.16 -16.88
C GLN B 183 17.61 3.77 -18.03
N PRO B 184 17.55 4.62 -19.07
CA PRO B 184 16.61 4.59 -20.21
C PRO B 184 16.38 3.22 -20.90
N ASN B 185 17.39 2.39 -21.05
CA ASN B 185 17.14 1.10 -21.70
C ASN B 185 16.90 -0.06 -20.74
N GLU B 186 16.69 0.24 -19.47
CA GLU B 186 16.37 -0.79 -18.47
C GLU B 186 14.91 -1.24 -18.57
N PHE B 187 14.05 -0.39 -19.15
CA PHE B 187 12.62 -0.69 -19.29
C PHE B 187 12.15 -0.67 -20.75
N ILE B 188 10.98 -1.24 -21.00
CA ILE B 188 10.40 -1.28 -22.35
C ILE B 188 9.00 -0.70 -22.34
N MET B 189 8.84 0.47 -22.97
CA MET B 189 7.54 1.12 -23.06
C MET B 189 6.56 0.21 -23.80
N PRO B 190 5.40 -0.07 -23.16
CA PRO B 190 4.44 -1.06 -23.66
C PRO B 190 3.56 -0.51 -24.81
N ASP B 191 4.13 0.16 -25.81
CA ASP B 191 3.32 0.92 -26.78
C ASP B 191 3.67 0.70 -28.27
N ASN B 192 4.58 -0.24 -28.55
CA ASN B 192 5.20 -0.35 -29.87
C ASN B 192 4.84 -1.65 -30.61
N ALA B 193 3.58 -2.11 -30.44
CA ALA B 193 3.11 -3.31 -31.15
C ALA B 193 2.79 -3.02 -32.63
N VAL B 194 2.98 -4.02 -33.48
CA VAL B 194 2.75 -3.88 -34.93
C VAL B 194 2.00 -5.11 -35.49
N PRO B 195 1.26 -4.93 -36.60
CA PRO B 195 0.62 -6.06 -37.27
C PRO B 195 1.66 -7.15 -37.61
N GLY B 196 1.30 -8.41 -37.40
CA GLY B 196 2.23 -9.50 -37.58
C GLY B 196 2.95 -9.95 -36.29
N ASP B 197 3.02 -9.07 -35.30
CA ASP B 197 3.45 -9.49 -33.97
C ASP B 197 2.50 -10.59 -33.46
N VAL B 198 3.01 -11.43 -32.57
CA VAL B 198 2.19 -12.47 -31.96
C VAL B 198 2.14 -12.27 -30.44
N LEU B 199 1.28 -13.04 -29.77
CA LEU B 199 1.07 -12.88 -28.32
C LEU B 199 1.47 -14.14 -27.56
N VAL B 200 2.45 -14.04 -26.66
CA VAL B 200 2.87 -15.15 -25.80
C VAL B 200 2.32 -14.99 -24.36
N LEU B 201 1.80 -16.06 -23.78
CA LEU B 201 1.42 -16.10 -22.36
C LEU B 201 2.38 -17.05 -21.61
N THR B 202 2.89 -16.61 -20.47
CA THR B 202 3.94 -17.34 -19.75
C THR B 202 3.51 -18.19 -18.55
N LYS B 203 2.22 -18.22 -18.23
CA LYS B 203 1.69 -19.11 -17.17
C LYS B 203 0.27 -19.47 -17.58
N PRO B 204 -0.20 -20.66 -17.17
CA PRO B 204 -1.58 -21.05 -17.51
C PRO B 204 -2.64 -20.35 -16.63
N LEU B 205 -3.85 -20.23 -17.15
CA LEU B 205 -4.95 -19.54 -16.43
C LEU B 205 -5.78 -20.44 -15.51
N GLY B 206 -6.68 -19.81 -14.75
CA GLY B 206 -7.64 -20.52 -13.91
C GLY B 206 -7.34 -20.59 -12.42
N THR B 207 -6.44 -19.75 -11.93
CA THR B 207 -6.11 -19.79 -10.50
C THR B 207 -7.34 -19.55 -9.60
N GLN B 208 -8.34 -18.79 -10.05
CA GLN B 208 -9.45 -18.40 -9.15
C GLN B 208 -10.40 -19.56 -8.97
N VAL B 209 -10.34 -20.50 -9.92
CA VAL B 209 -11.11 -21.73 -9.89
C VAL B 209 -10.41 -22.71 -8.95
N ALA B 210 -9.10 -22.87 -9.14
CA ALA B 210 -8.30 -23.80 -8.35
C ALA B 210 -8.34 -23.51 -6.85
N VAL B 211 -8.16 -22.24 -6.47
CA VAL B 211 -8.17 -21.85 -5.06
C VAL B 211 -9.58 -22.05 -4.46
N ALA B 212 -10.60 -21.65 -5.22
CA ALA B 212 -12.00 -21.84 -4.84
C ALA B 212 -12.32 -23.30 -4.53
N VAL B 213 -12.03 -24.18 -5.49
CA VAL B 213 -12.37 -25.59 -5.33
C VAL B 213 -11.63 -26.24 -4.15
N HIS B 214 -10.49 -25.69 -3.76
CA HIS B 214 -9.83 -26.21 -2.57
C HIS B 214 -10.52 -25.72 -1.30
N GLN B 215 -11.31 -24.65 -1.43
CA GLN B 215 -12.10 -24.16 -0.31
C GLN B 215 -13.47 -24.85 -0.27
N TRP B 216 -13.89 -25.39 -1.42
CA TRP B 216 -15.19 -26.03 -1.50
C TRP B 216 -15.18 -27.49 -1.05
N LEU B 217 -14.01 -28.05 -0.82
CA LEU B 217 -13.93 -29.37 -0.22
C LEU B 217 -14.64 -29.32 1.13
N ASP B 218 -14.39 -28.24 1.88
CA ASP B 218 -14.89 -28.15 3.25
C ASP B 218 -16.33 -27.67 3.33
N ILE B 219 -17.00 -27.54 2.19
CA ILE B 219 -18.40 -27.09 2.17
C ILE B 219 -19.31 -28.11 1.50
N PRO B 220 -20.13 -28.80 2.29
CA PRO B 220 -20.98 -29.91 1.84
C PRO B 220 -21.87 -29.54 0.65
N GLU B 221 -22.46 -28.35 0.63
CA GLU B 221 -23.38 -28.00 -0.46
C GLU B 221 -22.67 -27.71 -1.78
N LYS B 222 -21.44 -27.20 -1.70
CA LYS B 222 -20.68 -26.91 -2.92
C LYS B 222 -19.98 -28.16 -3.43
N TRP B 223 -19.42 -28.96 -2.52
CA TRP B 223 -18.74 -30.20 -2.90
C TRP B 223 -19.71 -31.18 -3.57
N ASN B 224 -20.87 -31.36 -2.97
CA ASN B 224 -21.89 -32.24 -3.52
C ASN B 224 -22.16 -32.00 -5.01
N LYS B 225 -21.99 -30.76 -5.45
CA LYS B 225 -22.22 -30.40 -6.85
C LYS B 225 -21.00 -30.56 -7.77
N ILE B 226 -19.88 -29.96 -7.39
CA ILE B 226 -18.67 -30.08 -8.19
C ILE B 226 -18.18 -31.52 -8.28
N LYS B 227 -18.57 -32.34 -7.31
CA LYS B 227 -18.11 -33.72 -7.24
C LYS B 227 -18.40 -34.52 -8.52
N LEU B 228 -19.37 -34.04 -9.29
CA LEU B 228 -19.74 -34.71 -10.53
C LEU B 228 -18.75 -34.46 -11.66
N VAL B 229 -17.60 -33.87 -11.33
CA VAL B 229 -16.71 -33.25 -12.33
C VAL B 229 -15.21 -33.43 -12.05
N VAL B 230 -14.85 -33.62 -10.79
CA VAL B 230 -13.44 -33.80 -10.42
C VAL B 230 -13.33 -34.53 -9.06
N THR B 231 -12.19 -35.17 -8.79
CA THR B 231 -11.98 -35.85 -7.51
C THR B 231 -11.23 -35.01 -6.48
N GLN B 232 -11.11 -35.54 -5.26
CA GLN B 232 -10.30 -34.89 -4.23
C GLN B 232 -8.82 -34.75 -4.65
N GLU B 233 -8.25 -35.82 -5.20
CA GLU B 233 -6.84 -35.80 -5.59
C GLU B 233 -6.55 -34.80 -6.72
N ASP B 234 -7.45 -34.73 -7.70
CA ASP B 234 -7.37 -33.73 -8.77
C ASP B 234 -7.42 -32.28 -8.27
N VAL B 235 -8.25 -32.03 -7.27
CA VAL B 235 -8.36 -30.70 -6.67
C VAL B 235 -7.12 -30.42 -5.81
N GLU B 236 -6.70 -31.39 -5.01
CA GLU B 236 -5.45 -31.27 -4.29
C GLU B 236 -4.33 -30.92 -5.28
N LEU B 237 -4.38 -31.56 -6.44
CA LEU B 237 -3.34 -31.40 -7.45
C LEU B 237 -3.34 -30.02 -8.12
N ALA B 238 -4.51 -29.57 -8.57
CA ALA B 238 -4.64 -28.31 -9.31
C ALA B 238 -4.31 -27.13 -8.40
N TYR B 239 -4.54 -27.33 -7.11
CA TYR B 239 -4.23 -26.38 -6.04
C TYR B 239 -2.74 -26.26 -5.87
N GLN B 240 -2.07 -27.39 -5.71
CA GLN B 240 -0.63 -27.39 -5.54
C GLN B 240 0.08 -26.78 -6.75
N GLU B 241 -0.41 -27.10 -7.96
CA GLU B 241 0.13 -26.52 -9.19
C GLU B 241 -0.07 -24.99 -9.21
N ALA B 242 -1.31 -24.54 -9.01
CA ALA B 242 -1.66 -23.12 -8.92
C ALA B 242 -0.77 -22.35 -7.93
N MET B 243 -0.55 -22.95 -6.76
CA MET B 243 0.29 -22.34 -5.73
C MET B 243 1.71 -22.07 -6.22
N MET B 244 2.35 -23.05 -6.85
CA MET B 244 3.71 -22.89 -7.37
C MET B 244 3.80 -21.86 -8.49
N ASN B 245 2.81 -21.85 -9.38
CA ASN B 245 2.81 -20.89 -10.49
C ASN B 245 2.71 -19.44 -9.99
N MET B 246 1.87 -19.22 -8.98
CA MET B 246 1.62 -17.90 -8.39
C MET B 246 2.77 -17.41 -7.52
N ALA B 247 3.59 -18.33 -7.05
CA ALA B 247 4.77 -17.93 -6.30
C ALA B 247 5.95 -17.77 -7.26
N ARG B 248 5.70 -18.03 -8.55
CA ARG B 248 6.77 -17.97 -9.56
C ARG B 248 6.92 -16.53 -10.04
N LEU B 249 8.13 -15.99 -9.97
CA LEU B 249 8.40 -14.63 -10.42
C LEU B 249 8.29 -14.53 -11.94
N ASN B 250 8.00 -13.33 -12.43
CA ASN B 250 8.07 -13.06 -13.87
C ASN B 250 9.41 -12.50 -14.37
N ARG B 251 10.44 -12.53 -13.51
CA ARG B 251 11.73 -11.83 -13.75
C ARG B 251 12.50 -12.35 -14.96
N THR B 252 12.54 -13.67 -15.11
CA THR B 252 13.22 -14.28 -16.26
C THR B 252 12.56 -13.85 -17.59
N ALA B 253 11.23 -13.95 -17.63
CA ALA B 253 10.45 -13.45 -18.76
C ALA B 253 10.77 -12.00 -19.03
N ALA B 254 10.92 -11.23 -17.95
CA ALA B 254 11.26 -9.82 -18.06
C ALA B 254 12.60 -9.64 -18.78
N GLY B 255 13.63 -10.38 -18.34
CA GLY B 255 14.93 -10.29 -18.99
C GLY B 255 14.95 -10.71 -20.45
N LEU B 256 14.10 -11.66 -20.80
CA LEU B 256 14.04 -12.17 -22.18
C LEU B 256 13.30 -11.21 -23.11
N MET B 257 12.40 -10.38 -22.59
CA MET B 257 11.78 -9.29 -23.35
C MET B 257 12.83 -8.38 -24.03
N HIS B 258 13.96 -8.18 -23.36
CA HIS B 258 15.07 -7.42 -23.93
C HIS B 258 15.82 -8.26 -24.98
N THR B 259 16.05 -9.54 -24.68
CA THR B 259 16.84 -10.41 -25.55
C THR B 259 16.15 -10.63 -26.91
N PHE B 260 14.81 -10.74 -26.91
CA PHE B 260 14.11 -11.09 -28.14
C PHE B 260 13.23 -9.95 -28.66
N ASN B 261 13.62 -8.73 -28.30
CA ASN B 261 13.02 -7.51 -28.87
C ASN B 261 11.52 -7.40 -28.67
N ALA B 262 11.08 -7.57 -27.42
CA ALA B 262 9.64 -7.44 -27.13
C ALA B 262 9.18 -6.03 -27.46
N HIS B 263 7.95 -5.92 -27.95
CA HIS B 263 7.41 -4.62 -28.33
C HIS B 263 6.50 -4.03 -27.25
N ALA B 264 5.99 -4.89 -26.38
CA ALA B 264 5.00 -4.48 -25.37
C ALA B 264 4.56 -5.66 -24.49
N ALA B 265 4.37 -5.39 -23.20
CA ALA B 265 3.82 -6.43 -22.31
C ALA B 265 2.91 -5.83 -21.25
N THR B 266 1.97 -6.65 -20.77
CA THR B 266 1.26 -6.41 -19.52
C THR B 266 1.14 -7.72 -18.74
N ASP B 267 0.82 -7.66 -17.45
CA ASP B 267 0.68 -8.90 -16.68
C ASP B 267 -0.78 -9.22 -16.37
N ILE B 268 -1.06 -10.52 -16.22
CA ILE B 268 -2.41 -11.05 -16.03
C ILE B 268 -2.75 -11.23 -14.55
N THR B 269 -3.58 -10.33 -14.06
CA THR B 269 -3.99 -10.32 -12.66
C THR B 269 -5.52 -10.15 -12.51
N GLY B 270 -5.97 -9.29 -11.58
CA GLY B 270 -7.38 -9.21 -11.19
C GLY B 270 -8.53 -9.09 -12.20
N PHE B 271 -8.25 -8.55 -13.39
CA PHE B 271 -9.28 -8.36 -14.42
C PHE B 271 -9.27 -9.44 -15.53
N GLY B 272 -8.47 -10.49 -15.34
CA GLY B 272 -8.48 -11.63 -16.25
C GLY B 272 -7.59 -11.49 -17.48
N ILE B 273 -7.56 -12.51 -18.32
CA ILE B 273 -6.75 -12.44 -19.54
C ILE B 273 -7.26 -11.34 -20.47
N LEU B 274 -8.59 -11.21 -20.63
CA LEU B 274 -9.16 -10.20 -21.52
C LEU B 274 -9.16 -8.76 -20.96
N GLY B 275 -9.62 -8.58 -19.74
CA GLY B 275 -9.57 -7.25 -19.14
C GLY B 275 -8.21 -6.60 -19.36
N HIS B 276 -7.15 -7.36 -19.13
CA HIS B 276 -5.79 -6.81 -19.22
C HIS B 276 -5.25 -6.75 -20.66
N ALA B 277 -5.63 -7.69 -21.53
CA ALA B 277 -5.34 -7.57 -22.97
C ALA B 277 -5.92 -6.30 -23.59
N GLN B 278 -7.19 -6.03 -23.29
CA GLN B 278 -7.83 -4.79 -23.69
C GLN B 278 -7.07 -3.58 -23.11
N ASN B 279 -6.80 -3.58 -21.82
CA ASN B 279 -6.01 -2.48 -21.24
C ASN B 279 -4.73 -2.20 -22.04
N LEU B 280 -3.99 -3.25 -22.39
CA LEU B 280 -2.74 -3.05 -23.13
C LEU B 280 -2.95 -2.63 -24.61
N ALA B 281 -3.97 -3.14 -25.28
CA ALA B 281 -4.27 -2.70 -26.65
C ALA B 281 -4.65 -1.20 -26.74
N LYS B 282 -5.06 -0.63 -25.61
CA LYS B 282 -5.39 0.79 -25.52
C LYS B 282 -4.11 1.66 -25.57
N GLN B 283 -3.01 1.08 -25.10
CA GLN B 283 -1.77 1.83 -24.93
C GLN B 283 -0.94 1.99 -26.24
N GLN B 284 -1.23 1.18 -27.26
CA GLN B 284 -0.36 1.09 -28.45
C GLN B 284 -0.30 2.36 -29.29
N ARG B 285 0.92 2.76 -29.70
CA ARG B 285 1.07 3.84 -30.67
C ARG B 285 0.37 3.53 -31.99
N ASN B 286 0.76 2.44 -32.64
CA ASN B 286 0.15 2.06 -33.91
C ASN B 286 -1.35 1.77 -33.76
N GLU B 287 -2.09 1.95 -34.85
CA GLU B 287 -3.48 1.52 -34.91
C GLU B 287 -3.56 0.01 -35.04
N VAL B 288 -3.51 -0.68 -33.90
CA VAL B 288 -3.48 -2.14 -33.86
C VAL B 288 -4.47 -2.71 -32.84
N SER B 289 -4.97 -3.91 -33.09
CA SER B 289 -5.87 -4.63 -32.17
C SER B 289 -5.33 -6.05 -31.87
N PHE B 290 -5.80 -6.68 -30.80
CA PHE B 290 -5.38 -8.04 -30.43
C PHE B 290 -6.48 -9.07 -30.64
N VAL B 291 -6.16 -10.24 -31.20
CA VAL B 291 -7.14 -11.34 -31.29
C VAL B 291 -6.61 -12.59 -30.60
N ILE B 292 -7.38 -13.16 -29.68
CA ILE B 292 -6.90 -14.35 -28.95
C ILE B 292 -7.64 -15.61 -29.39
N HIS B 293 -6.88 -16.63 -29.76
CA HIS B 293 -7.43 -17.80 -30.46
C HIS B 293 -7.48 -19.03 -29.58
N ASN B 294 -6.53 -19.11 -28.65
CA ASN B 294 -6.47 -20.21 -27.70
C ASN B 294 -6.16 -19.73 -26.28
N LEU B 295 -6.43 -20.61 -25.30
CA LEU B 295 -6.21 -20.32 -23.88
C LEU B 295 -5.62 -21.53 -23.18
N PRO B 296 -4.40 -21.41 -22.62
CA PRO B 296 -3.89 -22.47 -21.76
C PRO B 296 -4.48 -22.33 -20.35
N VAL B 297 -4.98 -23.43 -19.80
CA VAL B 297 -5.73 -23.40 -18.55
C VAL B 297 -5.34 -24.64 -17.75
N LEU B 298 -5.10 -24.47 -16.45
CA LEU B 298 -4.81 -25.62 -15.59
C LEU B 298 -5.85 -26.72 -15.84
N ALA B 299 -5.38 -27.96 -15.95
CA ALA B 299 -6.25 -29.12 -16.19
C ALA B 299 -7.51 -29.17 -15.32
N LYS B 300 -8.65 -29.42 -15.98
CA LYS B 300 -9.94 -29.67 -15.34
C LYS B 300 -10.68 -28.41 -14.91
N MET B 301 -9.93 -27.33 -14.64
CA MET B 301 -10.54 -26.10 -14.16
C MET B 301 -11.61 -25.54 -15.09
N ALA B 302 -11.47 -25.76 -16.40
CA ALA B 302 -12.46 -25.19 -17.31
C ALA B 302 -13.77 -25.98 -17.27
N ALA B 303 -13.69 -27.26 -16.89
CA ALA B 303 -14.90 -28.06 -16.69
C ALA B 303 -15.60 -27.61 -15.42
N VAL B 304 -14.82 -27.36 -14.38
CA VAL B 304 -15.36 -26.87 -13.12
C VAL B 304 -16.09 -25.55 -13.33
N SER B 305 -15.47 -24.66 -14.10
CA SER B 305 -16.04 -23.35 -14.41
C SER B 305 -17.45 -23.50 -14.95
N LYS B 306 -17.62 -24.43 -15.88
CA LYS B 306 -18.91 -24.65 -16.55
C LYS B 306 -19.96 -25.25 -15.60
N ALA B 307 -19.53 -26.13 -14.71
CA ALA B 307 -20.39 -26.67 -13.66
C ALA B 307 -20.92 -25.59 -12.69
N CYS B 308 -20.48 -24.34 -12.86
CA CYS B 308 -20.81 -23.26 -11.93
C CYS B 308 -21.48 -22.05 -12.55
N GLY B 309 -22.00 -22.20 -13.77
CA GLY B 309 -22.65 -21.11 -14.46
C GLY B 309 -21.79 -19.88 -14.72
N ASN B 310 -22.38 -18.71 -14.54
CA ASN B 310 -21.70 -17.43 -14.80
C ASN B 310 -20.88 -16.92 -13.59
N MET B 311 -20.56 -17.82 -12.66
CA MET B 311 -19.81 -17.42 -11.47
C MET B 311 -18.41 -16.87 -11.78
N PHE B 312 -17.68 -17.59 -12.63
CA PHE B 312 -16.26 -17.30 -12.88
C PHE B 312 -16.05 -16.59 -14.21
N GLY B 313 -16.56 -17.20 -15.28
CA GLY B 313 -16.32 -16.70 -16.62
C GLY B 313 -14.92 -16.98 -17.14
N LEU B 314 -14.38 -18.16 -16.83
CA LEU B 314 -13.04 -18.55 -17.27
C LEU B 314 -12.95 -18.81 -18.77
N MET B 315 -14.08 -19.00 -19.44
CA MET B 315 -14.07 -19.25 -20.87
C MET B 315 -14.12 -17.93 -21.68
N HIS B 316 -14.67 -16.89 -21.06
CA HIS B 316 -14.79 -15.60 -21.74
C HIS B 316 -13.66 -14.61 -21.43
N GLY B 317 -12.77 -15.00 -20.52
CA GLY B 317 -11.58 -14.21 -20.25
C GLY B 317 -11.73 -13.21 -19.12
N THR B 318 -12.80 -13.33 -18.32
CA THR B 318 -13.03 -12.38 -17.24
C THR B 318 -12.85 -13.02 -15.86
N CYS B 319 -12.15 -14.16 -15.82
CA CYS B 319 -11.82 -14.82 -14.56
C CYS B 319 -10.61 -14.12 -13.93
N PRO B 320 -10.71 -13.84 -12.61
CA PRO B 320 -9.57 -13.30 -11.86
C PRO B 320 -8.37 -14.25 -11.80
N GLU B 321 -7.18 -13.70 -12.02
CA GLU B 321 -5.93 -14.41 -11.75
C GLU B 321 -5.17 -13.60 -10.69
N THR B 322 -4.39 -14.28 -9.86
CA THR B 322 -3.48 -13.63 -8.92
C THR B 322 -2.07 -14.12 -9.23
N SER B 323 -1.13 -13.19 -9.42
CA SER B 323 0.22 -13.56 -9.83
C SER B 323 0.19 -14.39 -11.12
N GLY B 324 -0.64 -13.98 -12.07
CA GLY B 324 -0.73 -14.64 -13.36
C GLY B 324 0.52 -14.36 -14.18
N GLY B 325 0.50 -14.68 -15.48
CA GLY B 325 1.70 -14.46 -16.28
C GLY B 325 1.85 -13.12 -16.98
N LEU B 326 2.93 -13.01 -17.76
CA LEU B 326 3.13 -11.87 -18.65
C LEU B 326 2.53 -12.17 -20.02
N LEU B 327 1.81 -11.20 -20.59
CA LEU B 327 1.35 -11.26 -21.98
C LEU B 327 2.19 -10.32 -22.89
N ILE B 328 2.99 -10.93 -23.76
CA ILE B 328 4.02 -10.20 -24.52
C ILE B 328 3.76 -10.19 -26.05
N CYS B 329 3.83 -9.01 -26.66
CA CYS B 329 3.79 -8.87 -28.11
C CYS B 329 5.23 -8.96 -28.60
N LEU B 330 5.52 -9.97 -29.43
CA LEU B 330 6.87 -10.25 -29.89
C LEU B 330 6.81 -10.29 -31.39
N PRO B 331 7.91 -9.86 -32.06
CA PRO B 331 8.03 -10.02 -33.52
C PRO B 331 7.72 -11.46 -33.88
N ARG B 332 6.95 -11.65 -34.95
CA ARG B 332 6.62 -12.99 -35.38
C ARG B 332 7.88 -13.85 -35.53
N GLU B 333 8.98 -13.25 -35.95
CA GLU B 333 10.21 -14.05 -36.11
C GLU B 333 10.90 -14.47 -34.79
N GLN B 334 10.60 -13.78 -33.69
CA GLN B 334 11.30 -13.96 -32.41
C GLN B 334 10.54 -14.70 -31.30
N ALA B 335 9.22 -14.61 -31.30
CA ALA B 335 8.44 -15.29 -30.27
C ALA B 335 8.91 -16.75 -30.06
N ALA B 336 9.28 -17.42 -31.16
CA ALA B 336 9.66 -18.83 -31.12
C ALA B 336 10.95 -19.12 -30.37
N ARG B 337 11.94 -18.24 -30.53
CA ARG B 337 13.18 -18.34 -29.75
C ARG B 337 12.90 -18.09 -28.26
N PHE B 338 12.14 -17.04 -27.96
CA PHE B 338 11.66 -16.75 -26.61
C PHE B 338 11.06 -17.98 -25.89
N CYS B 339 10.06 -18.63 -26.48
CA CYS B 339 9.43 -19.79 -25.84
C CYS B 339 10.44 -20.90 -25.60
N ALA B 340 11.13 -21.31 -26.67
CA ALA B 340 12.21 -22.26 -26.56
C ALA B 340 13.06 -21.92 -25.35
N GLU B 341 13.57 -20.69 -25.33
CA GLU B 341 14.47 -20.23 -24.28
C GLU B 341 13.84 -20.26 -22.86
N ILE B 342 12.61 -19.75 -22.70
CA ILE B 342 12.00 -19.72 -21.36
C ILE B 342 11.68 -21.13 -20.87
N LYS B 343 11.45 -22.04 -21.82
CA LYS B 343 11.03 -23.40 -21.49
C LYS B 343 12.21 -24.35 -21.31
N SER B 344 13.10 -24.37 -22.30
CA SER B 344 14.22 -25.31 -22.27
C SER B 344 15.15 -25.03 -21.09
N PRO B 345 15.78 -23.85 -21.07
CA PRO B 345 16.49 -23.48 -19.84
C PRO B 345 15.52 -23.24 -18.68
N GLY B 350 13.21 -23.98 -16.24
CA GLY B 350 12.32 -23.58 -17.33
C GLY B 350 10.86 -23.88 -17.05
N HIS B 351 9.97 -23.06 -17.62
CA HIS B 351 8.52 -23.28 -17.56
C HIS B 351 7.97 -22.97 -18.92
N GLN B 352 6.98 -23.73 -19.38
CA GLN B 352 6.47 -23.53 -20.73
C GLN B 352 5.74 -22.20 -20.85
N ALA B 353 5.73 -21.68 -22.06
CA ALA B 353 4.94 -20.51 -22.45
C ALA B 353 4.11 -20.91 -23.66
N TRP B 354 3.12 -20.09 -24.02
CA TRP B 354 2.26 -20.40 -25.15
C TRP B 354 2.01 -19.20 -26.05
N ILE B 355 1.92 -19.43 -27.36
CA ILE B 355 1.51 -18.35 -28.28
C ILE B 355 0.01 -18.37 -28.47
N ILE B 356 -0.67 -17.41 -27.85
CA ILE B 356 -2.12 -17.51 -27.72
C ILE B 356 -2.90 -16.68 -28.73
N GLY B 357 -2.22 -15.84 -29.49
CA GLY B 357 -2.90 -15.05 -30.50
C GLY B 357 -1.94 -14.19 -31.31
N ILE B 358 -2.51 -13.19 -31.97
CA ILE B 358 -1.72 -12.35 -32.84
C ILE B 358 -2.20 -10.89 -32.80
N VAL B 359 -1.33 -10.00 -33.28
CA VAL B 359 -1.63 -8.60 -33.48
C VAL B 359 -1.91 -8.30 -34.97
N GLU B 360 -2.94 -7.49 -35.21
CA GLU B 360 -3.30 -7.11 -36.56
C GLU B 360 -3.71 -5.62 -36.60
N LYS B 361 -3.85 -5.04 -37.79
CA LYS B 361 -4.34 -3.67 -37.92
C LYS B 361 -5.70 -3.54 -37.23
N GLY B 362 -5.89 -2.47 -36.46
CA GLY B 362 -7.16 -2.28 -35.78
C GLY B 362 -7.27 -1.03 -34.94
N ASN B 363 -8.24 -1.03 -34.04
CA ASN B 363 -8.64 0.19 -33.36
C ASN B 363 -8.37 0.20 -31.85
N ARG B 364 -7.25 -0.37 -31.44
CA ARG B 364 -6.83 -0.42 -30.02
C ARG B 364 -7.83 -1.15 -29.10
N THR B 365 -8.37 -2.25 -29.61
CA THR B 365 -9.20 -3.12 -28.80
C THR B 365 -8.63 -4.55 -28.81
N ALA B 366 -9.34 -5.49 -28.19
CA ALA B 366 -8.93 -6.89 -28.09
C ALA B 366 -10.14 -7.77 -27.80
N ARG B 367 -10.14 -9.00 -28.35
CA ARG B 367 -11.24 -9.93 -28.15
C ARG B 367 -10.73 -11.38 -28.03
N ILE B 368 -11.58 -12.25 -27.50
CA ILE B 368 -11.38 -13.68 -27.60
C ILE B 368 -12.29 -14.16 -28.73
N ILE B 369 -11.76 -15.00 -29.63
CA ILE B 369 -12.60 -15.61 -30.66
C ILE B 369 -13.76 -16.33 -29.98
N ASP B 370 -14.85 -16.51 -30.71
CA ASP B 370 -16.09 -17.07 -30.15
C ASP B 370 -15.97 -18.52 -29.63
N LYS B 371 -15.19 -19.34 -30.35
CA LYS B 371 -14.97 -20.72 -29.93
C LYS B 371 -13.49 -20.94 -29.66
N PRO B 372 -12.95 -20.37 -28.57
CA PRO B 372 -11.50 -20.44 -28.41
C PRO B 372 -11.08 -21.87 -28.15
N ARG B 373 -9.90 -22.25 -28.64
CA ARG B 373 -9.36 -23.60 -28.42
C ARG B 373 -8.78 -23.71 -27.00
N ILE B 374 -9.27 -24.66 -26.21
CA ILE B 374 -8.82 -24.84 -24.83
C ILE B 374 -7.69 -25.85 -24.67
N ILE B 375 -6.56 -25.39 -24.16
CA ILE B 375 -5.40 -26.26 -23.96
C ILE B 375 -5.25 -26.65 -22.49
N GLU B 376 -5.41 -27.94 -22.21
CA GLU B 376 -5.54 -28.42 -20.83
C GLU B 376 -4.19 -28.73 -20.24
N VAL B 377 -3.63 -27.75 -19.54
CA VAL B 377 -2.30 -27.88 -18.95
C VAL B 377 -2.32 -28.75 -17.69
N ALA B 378 -1.69 -29.93 -17.78
CA ALA B 378 -1.62 -30.86 -16.65
C ALA B 378 -0.43 -30.59 -15.73
N PRO B 379 -0.54 -30.96 -14.44
CA PRO B 379 0.52 -30.70 -13.45
C PRO B 379 1.80 -31.47 -13.72
PB ADP C . 5.71 5.35 10.77
O1B ADP C . 5.47 5.25 9.30
O2B ADP C . 4.46 5.69 11.54
O3B ADP C . 6.90 6.20 11.17
PA ADP C . 5.00 2.80 11.86
O1A ADP C . 3.76 2.59 11.02
O2A ADP C . 4.79 3.17 13.31
O3A ADP C . 6.06 3.85 11.23
O5' ADP C . 5.86 1.44 11.73
C5' ADP C . 7.08 1.31 12.49
C4' ADP C . 8.25 0.97 11.58
O4' ADP C . 8.13 -0.37 11.10
C3' ADP C . 8.30 1.86 10.34
O3' ADP C . 9.66 2.10 10.07
C2' ADP C . 7.76 1.02 9.20
O2' ADP C . 8.45 1.34 7.97
C1' ADP C . 8.08 -0.39 9.67
N9 ADP C . 7.05 -1.39 9.31
C8 ADP C . 5.80 -1.50 9.82
N7 ADP C . 5.14 -2.56 9.28
C5 ADP C . 6.00 -3.16 8.42
C6 ADP C . 5.96 -4.32 7.51
N6 ADP C . 4.84 -5.08 7.42
N1 ADP C . 7.07 -4.57 6.78
C2 ADP C . 8.17 -3.83 6.86
N3 ADP C . 8.29 -2.76 7.66
C4 ADP C . 7.25 -2.38 8.44
P PO4 D . 0.84 5.76 11.20
O1 PO4 D . 1.66 6.74 10.41
O2 PO4 D . -0.61 6.03 10.78
O3 PO4 D . 1.21 4.34 10.84
O4 PO4 D . 1.17 6.01 12.64
MG MG E . 6.37 8.68 11.10
MG MG F . 3.53 6.99 9.41
MG MG G . 3.06 4.08 9.67
NA NA H . 7.57 5.02 7.64
PB ADP I . -2.08 -2.83 -11.97
O1B ADP I . -2.18 -3.85 -10.89
O2B ADP I . -1.64 -3.52 -13.23
O3B ADP I . -1.41 -1.53 -11.70
PA ADP I . -4.96 -2.21 -11.66
O1A ADP I . -4.84 -2.36 -10.17
O2A ADP I . -6.00 -3.02 -12.39
O3A ADP I . -3.58 -2.49 -12.47
O5' ADP I . -5.30 -0.66 -11.92
C5' ADP I . -5.31 -0.06 -13.23
C4' ADP I . -4.56 1.27 -13.20
O4' ADP I . -5.18 2.17 -12.25
C3' ADP I . -3.13 1.08 -12.73
O3' ADP I . -2.28 1.96 -13.50
C2' ADP I . -3.15 1.52 -11.28
O2' ADP I . -1.86 1.95 -10.82
C1' ADP I . -4.21 2.62 -11.29
N9 ADP I . -4.85 2.86 -9.97
C8 ADP I . -5.50 1.93 -9.22
N7 ADP I . -5.97 2.47 -8.07
C5 ADP I . -5.65 3.79 -8.05
C6 ADP I . -5.87 4.95 -7.13
N6 ADP I . -6.53 4.83 -5.95
N1 ADP I . -5.36 6.13 -7.50
C2 ADP I . -4.69 6.31 -8.67
N3 ADP I . -4.48 5.31 -9.55
C4 ADP I . -4.92 4.04 -9.30
P PO4 J . -4.03 -6.60 -9.41
O1 PO4 J . -2.64 -6.63 -9.97
O2 PO4 J . -4.36 -5.25 -8.82
O3 PO4 J . -5.01 -6.95 -10.51
O4 PO4 J . -4.08 -7.63 -8.31
MG MG K . -0.65 -5.10 -13.81
MG MG L . -0.85 -5.53 -9.97
MG MG M . -3.26 -3.37 -9.04
NA NA N . 0.77 -1.27 -10.53
#